data_1MMX
#
_entry.id   1MMX
#
_cell.length_a   44.900
_cell.length_b   76.300
_cell.length_c   210.900
_cell.angle_alpha   90.00
_cell.angle_beta   90.00
_cell.angle_gamma   90.00
#
_symmetry.space_group_name_H-M   'P 21 21 21'
#
loop_
_entity.id
_entity.type
_entity.pdbx_description
1 polymer 'Aldose 1-epimerase'
2 non-polymer alpha-L-fucopyranose
3 non-polymer 'SODIUM ION'
4 water water
#
_entity_poly.entity_id   1
_entity_poly.type   'polypeptide(L)'
_entity_poly.pdbx_seq_one_letter_code
;MSIKIRDFGLGSDLISLTNKAGVTISFTNLGARIVDWQKDGKHLILGFDSAKEYLEKDAYPGATVGPTAGRIKDGLVKIS
GKDYILNQNEGPQTLHGGEESIHTKLWTYEVTDLGAEVQVKFSLVSNDGTNGYPGKIEMSVTHSFDDDNKWKIHYEAISD
KDTVFNPTGHVYFNLNGDASESVENHGLRLAASRFVPLKDQTEIVRGDIVDIKNTDLDFRQEKQLSNAFNSNMEQVQLVK
GIDHPFLLDQLGLDKEQARLTLDDTSISVFTDQPSIVIFTANFGDLGTLYHEKKQVHHGGITFECQVSPGSEQIPELGDI
SLKAGEKYQATTIYSLHTKLEHHHHHH
;
_entity_poly.pdbx_strand_id   A,B
#
loop_
_chem_comp.id
_chem_comp.type
_chem_comp.name
_chem_comp.formula
FUC L-saccharide, alpha linking alpha-L-fucopyranose 'C6 H12 O5'
NA non-polymer 'SODIUM ION' 'Na 1'
#
# COMPACT_ATOMS: atom_id res chain seq x y z
N SER A 2 2.49 6.28 -28.32
CA SER A 2 1.50 6.92 -27.52
C SER A 2 1.33 6.29 -26.12
N ILE A 3 0.81 7.08 -25.17
CA ILE A 3 0.54 6.67 -23.81
C ILE A 3 -0.91 6.85 -23.50
N LYS A 4 -1.47 5.84 -22.87
CA LYS A 4 -2.87 5.95 -22.51
C LYS A 4 -3.05 5.42 -21.10
N ILE A 5 -3.68 6.21 -20.23
CA ILE A 5 -3.92 5.77 -18.87
C ILE A 5 -5.40 5.59 -18.59
N ARG A 6 -5.76 4.45 -18.06
CA ARG A 6 -7.14 4.32 -17.77
C ARG A 6 -7.40 3.57 -16.44
N ASP A 7 -8.62 3.69 -15.93
CA ASP A 7 -8.98 3.02 -14.69
C ASP A 7 -9.06 1.52 -14.96
N PHE A 8 -8.38 0.70 -14.14
CA PHE A 8 -8.35 -0.73 -14.31
C PHE A 8 -9.16 -1.49 -13.30
N GLY A 9 -9.83 -0.75 -12.41
CA GLY A 9 -10.64 -1.34 -11.34
C GLY A 9 -10.02 -1.27 -9.94
N LEU A 10 -10.87 -1.12 -8.92
CA LEU A 10 -10.46 -1.05 -7.52
C LEU A 10 -9.52 0.11 -7.22
N GLY A 11 -9.53 1.09 -8.10
CA GLY A 11 -8.66 2.23 -7.92
C GLY A 11 -7.33 2.05 -8.60
N SER A 12 -7.09 0.88 -9.21
CA SER A 12 -5.83 0.67 -9.92
C SER A 12 -5.88 1.29 -11.33
N ASP A 13 -4.71 1.59 -11.88
CA ASP A 13 -4.63 2.15 -13.20
C ASP A 13 -4.00 1.16 -14.18
N LEU A 14 -4.34 1.37 -15.44
CA LEU A 14 -3.79 0.59 -16.53
C LEU A 14 -3.06 1.60 -17.39
N ILE A 15 -1.76 1.44 -17.56
CA ILE A 15 -0.93 2.30 -18.36
C ILE A 15 -0.51 1.55 -19.66
N SER A 16 -0.98 2.00 -20.81
CA SER A 16 -0.67 1.32 -22.07
C SER A 16 0.24 2.17 -22.95
N LEU A 17 1.27 1.50 -23.45
CA LEU A 17 2.26 2.14 -24.29
C LEU A 17 2.31 1.45 -25.64
N THR A 18 2.27 2.27 -26.70
CA THR A 18 2.34 1.83 -28.07
C THR A 18 3.55 2.53 -28.66
N ASN A 19 4.47 1.74 -29.24
CA ASN A 19 5.67 2.32 -29.78
C ASN A 19 5.52 2.65 -31.24
N LYS A 20 6.59 3.10 -31.86
CA LYS A 20 6.55 3.44 -33.26
C LYS A 20 6.11 2.28 -34.12
N ALA A 21 6.43 1.08 -33.66
CA ALA A 21 6.10 -0.12 -34.42
C ALA A 21 4.66 -0.58 -34.30
N GLY A 22 3.87 0.07 -33.46
CA GLY A 22 2.51 -0.37 -33.33
C GLY A 22 2.37 -1.47 -32.31
N VAL A 23 3.45 -1.76 -31.59
CA VAL A 23 3.31 -2.81 -30.59
C VAL A 23 2.76 -2.18 -29.31
N THR A 24 1.83 -2.89 -28.66
CA THR A 24 1.26 -2.38 -27.42
C THR A 24 1.59 -3.22 -26.17
N ILE A 25 2.05 -2.57 -25.11
CA ILE A 25 2.37 -3.25 -23.84
C ILE A 25 1.65 -2.49 -22.74
N SER A 26 1.04 -3.21 -21.83
CA SER A 26 0.33 -2.47 -20.78
C SER A 26 0.67 -3.00 -19.37
N PHE A 27 0.63 -2.09 -18.37
CA PHE A 27 0.97 -2.38 -16.99
C PHE A 27 -0.03 -1.81 -16.04
N THR A 28 -0.03 -2.36 -14.85
CA THR A 28 -0.91 -1.84 -13.84
C THR A 28 -0.11 -1.63 -12.56
N ASN A 29 -0.55 -0.64 -11.75
CA ASN A 29 0.17 -0.37 -10.51
C ASN A 29 -0.17 -1.39 -9.45
N LEU A 30 -1.18 -2.21 -9.75
CA LEU A 30 -1.51 -3.24 -8.83
C LEU A 30 -0.43 -4.31 -8.99
N GLY A 31 0.56 -4.30 -8.09
CA GLY A 31 1.62 -5.30 -8.15
C GLY A 31 2.70 -4.91 -9.16
N ALA A 32 2.77 -3.65 -9.63
CA ALA A 32 3.78 -3.20 -10.63
C ALA A 32 3.97 -4.31 -11.65
N ARG A 33 2.88 -4.57 -12.36
CA ARG A 33 2.81 -5.69 -13.22
C ARG A 33 2.43 -5.48 -14.68
N ILE A 34 2.92 -6.41 -15.48
CA ILE A 34 2.60 -6.40 -16.89
C ILE A 34 1.28 -7.10 -17.08
N VAL A 35 0.38 -6.39 -17.79
CA VAL A 35 -0.94 -6.95 -18.02
C VAL A 35 -1.12 -7.56 -19.41
N ASP A 36 -0.57 -6.88 -20.41
CA ASP A 36 -0.70 -7.38 -21.77
C ASP A 36 0.44 -6.94 -22.59
N TRP A 37 0.61 -7.66 -23.70
CA TRP A 37 1.68 -7.38 -24.63
C TRP A 37 1.15 -7.93 -25.93
N GLN A 38 0.88 -7.05 -26.86
CA GLN A 38 0.37 -7.55 -28.11
C GLN A 38 0.85 -6.92 -29.40
N LYS A 39 0.85 -7.79 -30.39
CA LYS A 39 1.27 -7.48 -31.73
C LYS A 39 0.23 -7.98 -32.69
N ASP A 40 -0.07 -7.08 -33.63
CA ASP A 40 -1.04 -7.38 -34.66
C ASP A 40 -2.25 -8.04 -34.07
N GLY A 41 -2.70 -7.49 -32.95
CA GLY A 41 -3.88 -8.00 -32.25
C GLY A 41 -3.75 -9.35 -31.55
N LYS A 42 -2.53 -9.86 -31.38
CA LYS A 42 -2.41 -11.14 -30.74
C LYS A 42 -1.74 -11.01 -29.38
N HIS A 43 -2.25 -11.66 -28.35
CA HIS A 43 -1.60 -11.56 -27.03
C HIS A 43 -0.36 -12.40 -26.97
N LEU A 44 0.74 -11.85 -26.48
CA LEU A 44 1.95 -12.64 -26.36
C LEU A 44 2.10 -13.26 -24.98
N ILE A 45 1.44 -12.65 -24.01
CA ILE A 45 1.53 -13.12 -22.64
C ILE A 45 0.15 -13.32 -22.12
N LEU A 46 0.05 -13.90 -20.91
CA LEU A 46 -1.23 -14.17 -20.25
C LEU A 46 -1.61 -12.98 -19.36
N GLY A 47 -2.89 -12.66 -19.31
CA GLY A 47 -3.30 -11.53 -18.49
C GLY A 47 -4.79 -11.44 -18.41
N PHE A 48 -5.29 -10.67 -17.46
CA PHE A 48 -6.72 -10.53 -17.26
C PHE A 48 -7.24 -9.20 -17.74
N ASP A 49 -8.52 -9.04 -17.59
CA ASP A 49 -9.12 -7.81 -18.06
C ASP A 49 -9.42 -6.76 -17.01
N SER A 50 -9.25 -7.07 -15.72
CA SER A 50 -9.50 -6.04 -14.72
C SER A 50 -8.73 -6.40 -13.50
N ALA A 51 -8.62 -5.42 -12.59
CA ALA A 51 -7.89 -5.67 -11.35
C ALA A 51 -8.54 -6.80 -10.55
N LYS A 52 -9.85 -6.78 -10.48
CA LYS A 52 -10.58 -7.79 -9.72
C LYS A 52 -10.19 -9.20 -10.07
N GLU A 53 -10.01 -9.45 -11.35
CA GLU A 53 -9.68 -10.81 -11.79
C GLU A 53 -8.40 -11.31 -11.20
N TYR A 54 -7.41 -10.44 -11.16
CA TYR A 54 -6.17 -10.85 -10.58
C TYR A 54 -6.35 -11.20 -9.12
N LEU A 55 -7.12 -10.41 -8.40
CA LEU A 55 -7.34 -10.68 -7.00
C LEU A 55 -8.19 -11.92 -6.77
N GLU A 56 -9.15 -12.16 -7.59
CA GLU A 56 -9.97 -13.33 -7.36
C GLU A 56 -9.45 -14.63 -8.00
N LYS A 57 -8.77 -14.52 -9.14
CA LYS A 57 -8.29 -15.70 -9.83
C LYS A 57 -6.86 -16.06 -9.57
N ASP A 58 -5.97 -15.14 -9.84
CA ASP A 58 -4.60 -15.52 -9.62
C ASP A 58 -3.86 -14.22 -9.65
N ALA A 59 -3.19 -13.91 -8.52
CA ALA A 59 -2.48 -12.63 -8.35
C ALA A 59 -1.06 -12.61 -8.82
N TYR A 60 -0.56 -13.75 -9.28
CA TYR A 60 0.84 -13.79 -9.71
C TYR A 60 1.19 -13.37 -11.14
N PRO A 61 0.35 -13.73 -12.11
CA PRO A 61 0.66 -13.42 -13.51
C PRO A 61 1.14 -12.01 -13.79
N GLY A 62 2.32 -11.86 -14.36
CA GLY A 62 2.81 -10.51 -14.70
C GLY A 62 3.34 -9.67 -13.56
N ALA A 63 3.14 -10.16 -12.34
CA ALA A 63 3.55 -9.40 -11.16
C ALA A 63 5.00 -9.35 -10.81
N THR A 64 5.29 -8.31 -10.03
CA THR A 64 6.58 -8.14 -9.41
C THR A 64 6.37 -8.92 -8.09
N VAL A 65 7.19 -9.96 -7.82
CA VAL A 65 7.03 -10.75 -6.62
C VAL A 65 8.25 -10.59 -5.76
N GLY A 66 8.02 -10.57 -4.45
CA GLY A 66 9.12 -10.40 -3.53
C GLY A 66 8.58 -10.13 -2.17
N PRO A 67 9.42 -9.70 -1.26
CA PRO A 67 10.84 -9.38 -1.45
C PRO A 67 11.73 -10.50 -1.93
N THR A 68 11.33 -11.74 -1.64
CA THR A 68 12.15 -12.85 -2.09
C THR A 68 11.27 -13.68 -2.99
N ALA A 69 11.75 -13.96 -4.18
CA ALA A 69 10.95 -14.77 -5.08
C ALA A 69 11.19 -16.26 -4.87
N GLY A 70 10.15 -17.06 -4.92
CA GLY A 70 10.37 -18.47 -4.73
C GLY A 70 10.02 -18.96 -3.35
N ARG A 71 10.39 -20.22 -3.10
CA ARG A 71 10.13 -20.84 -1.84
C ARG A 71 11.30 -20.86 -0.91
N ILE A 72 11.01 -20.50 0.35
CA ILE A 72 12.02 -20.52 1.43
C ILE A 72 11.60 -21.60 2.44
N LYS A 73 12.41 -22.67 2.56
CA LYS A 73 12.14 -23.76 3.47
C LYS A 73 11.79 -23.32 4.88
N ASP A 74 10.66 -23.76 5.40
CA ASP A 74 10.26 -23.40 6.74
C ASP A 74 10.15 -21.90 7.03
N GLY A 75 10.14 -21.07 6.00
CA GLY A 75 10.09 -19.63 6.18
C GLY A 75 11.32 -19.11 6.93
N LEU A 76 12.38 -19.90 7.00
CA LEU A 76 13.56 -19.51 7.74
C LEU A 76 14.77 -18.93 7.01
N VAL A 77 15.19 -17.72 7.39
CA VAL A 77 16.38 -17.10 6.82
C VAL A 77 17.31 -16.70 7.96
N LYS A 78 18.61 -16.63 7.70
CA LYS A 78 19.54 -16.26 8.73
C LYS A 78 20.05 -14.90 8.32
N ILE A 79 19.91 -13.93 9.19
CA ILE A 79 20.37 -12.59 8.87
C ILE A 79 21.35 -12.21 9.94
N SER A 80 22.57 -11.85 9.54
CA SER A 80 23.63 -11.49 10.49
C SER A 80 23.70 -12.45 11.68
N GLY A 81 23.74 -13.73 11.31
CA GLY A 81 23.82 -14.84 12.21
C GLY A 81 22.56 -15.09 13.00
N LYS A 82 21.49 -14.36 12.71
CA LYS A 82 20.28 -14.58 13.45
C LYS A 82 19.18 -15.17 12.60
N ASP A 83 18.39 -16.05 13.20
CA ASP A 83 17.30 -16.68 12.52
C ASP A 83 16.08 -15.80 12.51
N TYR A 84 15.47 -15.72 11.34
CA TYR A 84 14.24 -14.94 11.24
C TYR A 84 13.21 -15.80 10.55
N ILE A 85 11.96 -15.85 11.08
CA ILE A 85 10.84 -16.60 10.53
C ILE A 85 9.97 -15.60 9.75
N LEU A 86 9.80 -15.86 8.46
CA LEU A 86 9.00 -15.04 7.58
C LEU A 86 7.60 -15.62 7.53
N ASN A 87 6.66 -14.84 7.00
CA ASN A 87 5.30 -15.28 6.87
C ASN A 87 5.25 -16.60 6.07
N GLN A 88 4.50 -17.58 6.57
CA GLN A 88 4.44 -18.85 5.88
C GLN A 88 3.07 -18.94 5.24
N ASN A 89 3.05 -19.05 3.92
CA ASN A 89 1.81 -19.09 3.20
C ASN A 89 1.64 -20.31 2.29
N GLU A 90 2.49 -21.29 2.42
CA GLU A 90 2.37 -22.50 1.60
C GLU A 90 2.89 -23.56 2.50
N GLY A 91 2.01 -24.05 3.38
CA GLY A 91 2.50 -25.02 4.34
C GLY A 91 3.50 -24.20 5.18
N PRO A 92 4.61 -24.77 5.56
CA PRO A 92 5.58 -24.04 6.35
C PRO A 92 6.51 -23.22 5.50
N GLN A 93 6.28 -23.16 4.20
CA GLN A 93 7.21 -22.38 3.43
C GLN A 93 6.71 -20.99 3.25
N THR A 94 7.66 -20.13 2.98
CA THR A 94 7.33 -18.76 2.64
C THR A 94 7.48 -18.76 1.10
N LEU A 95 6.38 -18.58 0.36
CA LEU A 95 6.40 -18.58 -1.11
C LEU A 95 6.16 -17.17 -1.62
N HIS A 96 7.03 -16.69 -2.47
CA HIS A 96 6.88 -15.33 -3.02
C HIS A 96 6.65 -14.20 -2.01
N GLY A 97 7.41 -14.22 -0.91
CA GLY A 97 7.30 -13.16 0.06
C GLY A 97 6.20 -13.32 1.07
N GLY A 98 5.42 -14.41 1.08
CA GLY A 98 4.39 -14.47 2.13
C GLY A 98 3.01 -14.01 1.64
N GLU A 99 2.02 -14.13 2.49
CA GLU A 99 0.69 -13.71 2.09
C GLU A 99 0.56 -12.22 1.90
N GLU A 100 -0.39 -11.83 1.06
CA GLU A 100 -0.72 -10.45 0.81
C GLU A 100 0.54 -9.63 0.59
N SER A 101 1.41 -10.18 -0.18
CA SER A 101 2.69 -9.49 -0.46
C SER A 101 2.64 -8.35 -1.47
N ILE A 102 3.81 -7.87 -1.89
CA ILE A 102 3.89 -6.73 -2.78
C ILE A 102 3.18 -6.85 -4.11
N HIS A 103 2.83 -8.06 -4.50
CA HIS A 103 2.12 -8.21 -5.76
C HIS A 103 0.64 -7.82 -5.64
N THR A 104 0.14 -7.75 -4.40
CA THR A 104 -1.25 -7.39 -4.15
C THR A 104 -1.39 -5.96 -3.70
N LYS A 105 -0.31 -5.19 -3.70
CA LYS A 105 -0.41 -3.80 -3.27
C LYS A 105 -0.46 -2.82 -4.46
N LEU A 106 -1.02 -1.62 -4.23
CA LEU A 106 -1.08 -0.65 -5.29
C LEU A 106 0.15 0.20 -5.10
N TRP A 107 1.02 0.20 -6.09
CA TRP A 107 2.26 0.96 -6.01
C TRP A 107 2.02 2.35 -6.54
N THR A 108 2.80 3.38 -6.11
CA THR A 108 2.62 4.68 -6.71
C THR A 108 3.48 4.63 -7.98
N TYR A 109 3.21 5.52 -8.96
CA TYR A 109 4.03 5.53 -10.16
C TYR A 109 4.06 6.88 -10.84
N GLU A 110 5.07 6.97 -11.67
CA GLU A 110 5.37 8.11 -12.48
C GLU A 110 5.80 7.63 -13.83
N VAL A 111 5.26 8.28 -14.85
CA VAL A 111 5.57 7.95 -16.23
C VAL A 111 6.57 8.94 -16.80
N THR A 112 7.57 8.48 -17.51
CA THR A 112 8.58 9.37 -18.13
C THR A 112 8.67 9.07 -19.63
N ASP A 113 8.27 10.03 -20.47
CA ASP A 113 8.30 9.84 -21.90
C ASP A 113 9.59 10.32 -22.48
N LEU A 114 10.38 9.38 -23.02
CA LEU A 114 11.65 9.74 -23.62
C LEU A 114 11.62 9.71 -25.13
N GLY A 115 10.43 9.53 -25.69
CA GLY A 115 10.30 9.50 -27.12
C GLY A 115 10.49 8.10 -27.64
N ALA A 116 11.73 7.70 -27.91
CA ALA A 116 11.95 6.33 -28.41
C ALA A 116 11.66 5.27 -27.35
N GLU A 117 11.75 5.73 -26.12
CA GLU A 117 11.50 4.95 -24.91
C GLU A 117 10.60 5.67 -23.89
N VAL A 118 9.77 4.86 -23.26
CA VAL A 118 8.89 5.38 -22.22
C VAL A 118 9.11 4.51 -20.98
N GLN A 119 9.25 5.17 -19.84
CA GLN A 119 9.48 4.49 -18.60
C GLN A 119 8.32 4.71 -17.65
N VAL A 120 7.98 3.68 -16.90
CA VAL A 120 6.95 3.73 -15.89
C VAL A 120 7.69 3.26 -14.62
N LYS A 121 7.90 4.18 -13.66
CA LYS A 121 8.58 3.90 -12.39
C LYS A 121 7.59 3.70 -11.24
N PHE A 122 7.50 2.46 -10.75
CA PHE A 122 6.61 2.12 -9.67
C PHE A 122 7.39 2.13 -8.38
N SER A 123 6.78 2.64 -7.31
CA SER A 123 7.46 2.65 -6.03
C SER A 123 6.57 2.16 -4.91
N LEU A 124 7.22 1.55 -3.93
CA LEU A 124 6.54 1.05 -2.77
C LEU A 124 7.53 0.91 -1.64
N VAL A 125 7.01 1.13 -0.43
CA VAL A 125 7.83 0.95 0.77
C VAL A 125 7.30 -0.27 1.52
N SER A 126 8.23 -1.17 1.82
CA SER A 126 7.94 -2.33 2.62
C SER A 126 8.40 -1.91 4.02
N ASN A 127 7.43 -1.77 4.95
CA ASN A 127 7.77 -1.33 6.30
C ASN A 127 8.65 -2.31 7.01
N ASP A 128 9.44 -1.82 7.93
CA ASP A 128 10.25 -2.75 8.68
C ASP A 128 9.32 -3.75 9.37
N GLY A 129 9.62 -5.05 9.27
CA GLY A 129 8.85 -6.11 9.94
C GLY A 129 7.73 -6.73 9.13
N THR A 130 7.41 -6.11 7.98
CA THR A 130 6.36 -6.62 7.09
C THR A 130 6.60 -8.07 6.72
N ASN A 131 5.67 -8.92 7.12
CA ASN A 131 5.78 -10.32 6.81
C ASN A 131 7.03 -10.99 7.35
N GLY A 132 7.61 -10.34 8.36
CA GLY A 132 8.79 -10.88 9.01
C GLY A 132 10.07 -10.31 8.46
N TYR A 133 9.99 -9.51 7.40
CA TYR A 133 11.24 -8.98 6.83
C TYR A 133 11.73 -7.68 7.45
N PRO A 134 13.02 -7.61 7.78
CA PRO A 134 13.59 -6.40 8.34
C PRO A 134 13.57 -5.35 7.28
N GLY A 135 13.39 -4.07 7.66
CA GLY A 135 13.32 -2.97 6.71
C GLY A 135 13.56 -1.68 7.43
N LYS A 136 12.96 -0.59 6.99
CA LYS A 136 12.11 -0.57 5.82
C LYS A 136 12.92 -0.67 4.55
N ILE A 137 12.25 -1.17 3.51
CA ILE A 137 12.90 -1.33 2.22
C ILE A 137 12.22 -0.39 1.23
N GLU A 138 12.93 0.58 0.70
CA GLU A 138 12.28 1.40 -0.27
C GLU A 138 12.56 0.73 -1.60
N MET A 139 11.51 0.31 -2.34
CA MET A 139 11.69 -0.38 -3.64
C MET A 139 11.11 0.40 -4.83
N SER A 140 11.72 0.21 -5.98
CA SER A 140 11.27 0.81 -7.21
C SER A 140 11.47 -0.24 -8.28
N VAL A 141 10.47 -0.33 -9.17
CA VAL A 141 10.55 -1.24 -10.29
C VAL A 141 10.22 -0.39 -11.50
N THR A 142 11.16 -0.28 -12.43
CA THR A 142 10.89 0.51 -13.63
C THR A 142 10.66 -0.39 -14.83
N HIS A 143 9.50 -0.30 -15.41
CA HIS A 143 9.19 -1.07 -16.59
C HIS A 143 9.35 -0.09 -17.76
N SER A 144 10.11 -0.45 -18.79
CA SER A 144 10.21 0.48 -19.89
C SER A 144 10.01 -0.26 -21.19
N PHE A 145 9.57 0.48 -22.22
CA PHE A 145 9.30 -0.10 -23.54
C PHE A 145 9.84 0.82 -24.60
N ASP A 146 10.49 0.25 -25.62
CA ASP A 146 11.04 1.15 -26.61
C ASP A 146 10.68 0.83 -28.05
N ASP A 147 11.13 1.69 -28.94
CA ASP A 147 10.83 1.45 -30.34
C ASP A 147 11.50 0.23 -30.91
N ASP A 148 12.42 -0.38 -30.19
CA ASP A 148 13.04 -1.59 -30.72
C ASP A 148 12.34 -2.81 -30.17
N ASN A 149 11.19 -2.60 -29.57
CA ASN A 149 10.46 -3.74 -29.00
C ASN A 149 11.11 -4.38 -27.80
N LYS A 150 11.94 -3.61 -27.08
CA LYS A 150 12.56 -4.16 -25.88
C LYS A 150 11.79 -3.74 -24.62
N TRP A 151 11.36 -4.74 -23.85
CA TRP A 151 10.68 -4.51 -22.58
C TRP A 151 11.71 -4.78 -21.47
N LYS A 152 12.07 -3.73 -20.77
CA LYS A 152 13.06 -3.83 -19.74
C LYS A 152 12.49 -3.59 -18.36
N ILE A 153 13.01 -4.32 -17.37
CA ILE A 153 12.62 -4.23 -15.97
C ILE A 153 13.89 -3.98 -15.17
N HIS A 154 13.88 -2.84 -14.46
CA HIS A 154 14.99 -2.50 -13.66
C HIS A 154 14.54 -2.30 -12.25
N TYR A 155 15.16 -3.08 -11.37
CA TYR A 155 14.84 -3.00 -9.96
C TYR A 155 15.92 -2.29 -9.17
N GLU A 156 15.45 -1.56 -8.16
CA GLU A 156 16.34 -0.91 -7.24
C GLU A 156 15.72 -0.96 -5.86
N ALA A 157 16.58 -1.09 -4.83
CA ALA A 157 16.12 -1.10 -3.42
C ALA A 157 17.20 -0.67 -2.44
N ILE A 158 16.74 -0.05 -1.35
CA ILE A 158 17.57 0.38 -0.25
C ILE A 158 16.86 0.02 1.02
N SER A 159 17.59 -0.62 1.94
CA SER A 159 17.04 -1.04 3.21
C SER A 159 17.70 -0.33 4.36
N ASP A 160 16.88 -0.04 5.40
CA ASP A 160 17.39 0.62 6.59
C ASP A 160 18.11 -0.40 7.48
N LYS A 161 17.85 -1.67 7.26
CA LYS A 161 18.45 -2.71 8.08
C LYS A 161 18.86 -3.84 7.20
N ASP A 162 19.79 -4.66 7.68
CA ASP A 162 20.25 -5.81 6.92
C ASP A 162 19.04 -6.67 6.70
N THR A 163 18.88 -7.16 5.49
CA THR A 163 17.72 -7.96 5.26
C THR A 163 18.02 -8.91 4.10
N VAL A 164 16.98 -9.39 3.43
CA VAL A 164 17.11 -10.26 2.28
C VAL A 164 16.31 -9.67 1.14
N PHE A 165 16.79 -9.82 -0.09
CA PHE A 165 16.06 -9.22 -1.21
C PHE A 165 16.42 -9.91 -2.53
N ASN A 166 15.37 -10.39 -3.25
CA ASN A 166 15.59 -11.13 -4.50
C ASN A 166 14.28 -11.30 -5.21
N PRO A 167 13.77 -10.20 -5.70
CA PRO A 167 12.50 -10.21 -6.36
C PRO A 167 12.60 -10.72 -7.80
N THR A 168 11.44 -10.94 -8.44
CA THR A 168 11.42 -11.36 -9.83
C THR A 168 10.15 -10.85 -10.48
N GLY A 169 10.09 -10.95 -11.80
CA GLY A 169 8.95 -10.56 -12.64
C GLY A 169 8.27 -11.90 -13.02
N HIS A 170 6.98 -12.02 -12.79
CA HIS A 170 6.35 -13.28 -13.05
C HIS A 170 5.40 -13.36 -14.26
N VAL A 171 5.81 -12.76 -15.38
CA VAL A 171 5.03 -12.80 -16.62
C VAL A 171 5.01 -14.26 -17.13
N TYR A 172 3.90 -14.66 -17.75
CA TYR A 172 3.73 -15.99 -18.36
C TYR A 172 3.55 -15.72 -19.84
N PHE A 173 4.36 -16.36 -20.65
CA PHE A 173 4.27 -16.19 -22.08
C PHE A 173 3.45 -17.29 -22.69
N ASN A 174 2.81 -16.99 -23.81
CA ASN A 174 2.04 -17.95 -24.58
C ASN A 174 1.85 -17.39 -25.96
N LEU A 175 2.79 -17.70 -26.84
CA LEU A 175 2.80 -17.20 -28.18
C LEU A 175 1.61 -17.65 -28.98
N ASN A 176 0.85 -18.60 -28.45
CA ASN A 176 -0.35 -19.02 -29.11
C ASN A 176 -1.38 -17.91 -29.01
N GLY A 177 -1.20 -17.05 -28.02
CA GLY A 177 -2.15 -15.96 -27.83
C GLY A 177 -3.49 -16.45 -27.29
N ASP A 178 -3.51 -17.64 -26.72
CA ASP A 178 -4.74 -18.22 -26.21
C ASP A 178 -4.33 -19.24 -25.17
N ALA A 179 -4.89 -19.10 -23.96
CA ALA A 179 -4.57 -19.97 -22.82
C ALA A 179 -5.02 -21.40 -22.95
N SER A 180 -5.99 -21.65 -23.79
CA SER A 180 -6.48 -22.99 -23.94
C SER A 180 -5.55 -23.82 -24.80
N GLU A 181 -4.45 -23.22 -25.24
CA GLU A 181 -3.46 -23.91 -26.06
C GLU A 181 -2.08 -24.06 -25.43
N SER A 182 -1.66 -25.30 -25.27
CA SER A 182 -0.38 -25.63 -24.69
C SER A 182 0.82 -25.00 -25.38
N VAL A 183 1.86 -24.72 -24.60
CA VAL A 183 3.06 -24.13 -25.17
C VAL A 183 4.00 -25.24 -25.64
N GLU A 184 3.50 -26.45 -25.61
CA GLU A 184 4.36 -27.57 -26.07
C GLU A 184 4.93 -27.41 -27.48
N ASN A 185 4.26 -26.60 -28.29
CA ASN A 185 4.67 -26.34 -29.65
C ASN A 185 5.75 -25.29 -29.74
N HIS A 186 6.01 -24.58 -28.67
CA HIS A 186 7.07 -23.59 -28.80
C HIS A 186 8.41 -24.27 -28.66
N GLY A 187 9.40 -23.59 -29.20
CA GLY A 187 10.74 -24.10 -29.12
C GLY A 187 11.43 -23.24 -28.09
N LEU A 188 12.30 -23.86 -27.34
CA LEU A 188 13.02 -23.12 -26.33
C LEU A 188 14.51 -23.37 -26.42
N ARG A 189 15.29 -22.31 -26.26
CA ARG A 189 16.72 -22.41 -26.21
C ARG A 189 17.13 -21.82 -24.87
N LEU A 190 18.07 -22.42 -24.20
CA LEU A 190 18.45 -21.91 -22.89
C LEU A 190 19.87 -22.23 -22.59
N ALA A 191 20.67 -21.18 -22.37
CA ALA A 191 22.10 -21.27 -22.07
C ALA A 191 22.45 -21.69 -20.62
N ALA A 192 21.98 -22.89 -20.22
CA ALA A 192 22.19 -23.43 -18.91
C ALA A 192 22.52 -24.91 -19.01
N SER A 193 23.57 -25.31 -18.30
CA SER A 193 24.00 -26.72 -18.31
C SER A 193 23.63 -27.42 -17.02
N ARG A 194 23.12 -26.69 -16.01
CA ARG A 194 22.75 -27.32 -14.76
C ARG A 194 21.41 -26.81 -14.27
N PHE A 195 20.85 -27.60 -13.37
CA PHE A 195 19.61 -27.23 -12.77
C PHE A 195 19.60 -27.65 -11.33
N VAL A 196 18.58 -27.17 -10.59
CA VAL A 196 18.37 -27.42 -9.18
C VAL A 196 17.18 -28.29 -9.00
N PRO A 197 17.40 -29.54 -8.65
CA PRO A 197 16.30 -30.47 -8.46
C PRO A 197 15.48 -30.18 -7.21
N LEU A 198 14.22 -30.57 -7.25
CA LEU A 198 13.35 -30.34 -6.13
C LEU A 198 13.28 -31.58 -5.24
N LYS A 199 13.02 -31.42 -3.95
CA LYS A 199 12.99 -32.56 -3.06
C LYS A 199 11.80 -33.48 -3.26
N ASP A 200 10.65 -32.87 -3.35
CA ASP A 200 9.43 -33.57 -3.51
C ASP A 200 8.35 -32.61 -3.86
N GLN A 201 7.13 -33.06 -3.69
CA GLN A 201 6.00 -32.23 -4.04
C GLN A 201 5.86 -30.93 -3.27
N THR A 202 6.66 -30.74 -2.23
CA THR A 202 6.56 -29.49 -1.52
C THR A 202 7.36 -28.45 -2.30
N GLU A 203 8.17 -28.92 -3.24
CA GLU A 203 8.92 -28.02 -4.08
C GLU A 203 10.08 -27.32 -3.47
N ILE A 204 10.50 -27.78 -2.30
CA ILE A 204 11.66 -27.18 -1.68
C ILE A 204 12.85 -27.82 -2.38
N VAL A 205 13.99 -27.17 -2.38
CA VAL A 205 15.06 -27.81 -3.07
C VAL A 205 15.54 -29.09 -2.42
N ARG A 206 16.02 -29.98 -3.28
CA ARG A 206 16.54 -31.26 -2.88
C ARG A 206 17.90 -31.18 -2.16
N GLY A 207 18.73 -30.25 -2.55
CA GLY A 207 20.02 -30.14 -1.85
C GLY A 207 21.23 -30.08 -2.75
N ASP A 208 21.05 -30.63 -3.94
CA ASP A 208 22.11 -30.74 -4.92
C ASP A 208 21.90 -29.96 -6.20
N ILE A 209 22.99 -29.90 -6.94
CA ILE A 209 23.04 -29.23 -8.22
C ILE A 209 23.32 -30.32 -9.23
N VAL A 210 22.50 -30.44 -10.27
CA VAL A 210 22.64 -31.47 -11.29
C VAL A 210 22.96 -31.03 -12.71
N ASP A 211 23.90 -31.73 -13.33
CA ASP A 211 24.25 -31.44 -14.71
C ASP A 211 23.15 -32.03 -15.59
N ILE A 212 22.65 -31.24 -16.55
CA ILE A 212 21.57 -31.67 -17.41
C ILE A 212 21.97 -31.91 -18.83
N LYS A 213 23.25 -31.68 -19.09
CA LYS A 213 23.78 -31.91 -20.41
C LYS A 213 23.33 -33.26 -20.90
N ASN A 214 22.83 -33.25 -22.11
CA ASN A 214 22.38 -34.46 -22.74
C ASN A 214 21.23 -35.18 -22.05
N THR A 215 20.27 -34.42 -21.55
CA THR A 215 19.09 -34.98 -20.93
C THR A 215 17.89 -34.29 -21.56
N ASP A 216 16.69 -34.66 -21.17
CA ASP A 216 15.54 -34.00 -21.78
C ASP A 216 15.45 -32.52 -21.42
N LEU A 217 16.26 -32.11 -20.45
CA LEU A 217 16.22 -30.72 -20.03
C LEU A 217 17.36 -29.91 -20.59
N ASP A 218 18.06 -30.49 -21.55
CA ASP A 218 19.15 -29.73 -22.09
C ASP A 218 18.61 -28.93 -23.26
N PHE A 219 18.59 -27.59 -23.15
CA PHE A 219 18.03 -26.78 -24.21
C PHE A 219 19.08 -25.89 -24.75
N ARG A 220 20.32 -26.29 -24.50
CA ARG A 220 21.40 -25.47 -25.00
C ARG A 220 21.27 -25.29 -26.50
N GLN A 221 20.55 -26.24 -27.11
CA GLN A 221 20.28 -26.26 -28.53
C GLN A 221 18.79 -26.15 -28.65
N GLU A 222 18.30 -25.20 -29.44
CA GLU A 222 16.86 -25.07 -29.53
C GLU A 222 16.18 -26.40 -29.61
N LYS A 223 15.06 -26.52 -28.91
CA LYS A 223 14.21 -27.69 -28.90
C LYS A 223 12.78 -27.39 -28.54
N GLN A 224 11.92 -28.30 -28.94
CA GLN A 224 10.54 -28.12 -28.68
C GLN A 224 10.19 -28.59 -27.30
N LEU A 225 9.33 -27.83 -26.67
CA LEU A 225 8.90 -28.11 -25.33
C LEU A 225 8.25 -29.44 -25.14
N SER A 226 7.61 -29.91 -26.17
CA SER A 226 6.97 -31.22 -25.99
C SER A 226 8.01 -32.25 -25.57
N ASN A 227 9.23 -32.03 -25.97
CA ASN A 227 10.25 -33.00 -25.57
C ASN A 227 10.28 -33.14 -24.08
N ALA A 228 10.59 -32.04 -23.43
CA ALA A 228 10.67 -32.04 -22.00
C ALA A 228 9.36 -32.55 -21.43
N PHE A 229 8.28 -32.08 -22.00
CA PHE A 229 6.99 -32.50 -21.52
C PHE A 229 6.75 -33.99 -21.62
N ASN A 230 7.33 -34.65 -22.60
CA ASN A 230 7.07 -36.09 -22.70
C ASN A 230 8.14 -36.94 -22.07
N SER A 231 9.04 -36.28 -21.36
CA SER A 231 10.13 -36.94 -20.66
C SER A 231 9.66 -37.74 -19.47
N ASN A 232 10.44 -38.76 -19.20
CA ASN A 232 10.20 -39.65 -18.07
C ASN A 232 11.19 -39.40 -16.92
N MET A 233 12.01 -38.33 -17.06
CA MET A 233 12.92 -37.94 -16.01
C MET A 233 12.07 -37.76 -14.77
N GLU A 234 12.54 -38.31 -13.69
CA GLU A 234 11.82 -38.21 -12.45
C GLU A 234 11.44 -36.77 -12.07
N GLN A 235 12.36 -35.83 -12.30
CA GLN A 235 12.08 -34.45 -11.93
C GLN A 235 10.91 -33.86 -12.72
N VAL A 236 10.75 -34.32 -13.98
CA VAL A 236 9.64 -33.85 -14.85
C VAL A 236 8.36 -34.47 -14.40
N GLN A 237 8.50 -35.73 -14.09
CA GLN A 237 7.33 -36.46 -13.64
C GLN A 237 6.84 -35.94 -12.30
N LEU A 238 7.77 -35.44 -11.52
CA LEU A 238 7.44 -34.94 -10.20
C LEU A 238 6.47 -33.74 -10.20
N VAL A 239 6.75 -32.80 -11.09
CA VAL A 239 5.91 -31.60 -11.16
C VAL A 239 4.95 -31.59 -12.31
N LYS A 240 5.08 -32.59 -13.21
CA LYS A 240 4.25 -32.70 -14.40
C LYS A 240 4.59 -31.59 -15.36
N GLY A 241 5.87 -31.36 -15.56
CA GLY A 241 6.28 -30.30 -16.46
C GLY A 241 7.60 -29.82 -15.96
N ILE A 242 7.82 -28.52 -16.03
CA ILE A 242 9.06 -27.95 -15.52
C ILE A 242 8.66 -26.91 -14.46
N ASP A 243 9.41 -26.85 -13.35
CA ASP A 243 9.19 -25.91 -12.25
C ASP A 243 10.49 -25.93 -11.52
N HIS A 244 11.51 -25.37 -12.19
CA HIS A 244 12.85 -25.45 -11.69
C HIS A 244 13.75 -24.31 -12.07
N PRO A 245 14.74 -24.11 -11.18
CA PRO A 245 15.76 -23.10 -11.40
C PRO A 245 16.87 -23.68 -12.30
N PHE A 246 17.20 -22.96 -13.34
CA PHE A 246 18.25 -23.38 -14.25
C PHE A 246 19.39 -22.45 -14.02
N LEU A 247 20.61 -22.99 -13.90
CA LEU A 247 21.75 -22.12 -13.68
C LEU A 247 22.42 -21.67 -14.98
N LEU A 248 22.49 -20.37 -15.19
CA LEU A 248 23.09 -19.87 -16.39
C LEU A 248 24.58 -20.15 -16.47
N ASP A 249 25.04 -20.59 -17.65
CA ASP A 249 26.47 -20.86 -17.84
C ASP A 249 27.38 -19.64 -17.86
N GLN A 250 26.90 -18.55 -18.46
CA GLN A 250 27.65 -17.30 -18.56
C GLN A 250 26.79 -16.15 -18.05
N LEU A 251 27.32 -15.36 -17.14
CA LEU A 251 26.57 -14.26 -16.59
C LEU A 251 26.87 -12.99 -17.31
N GLY A 252 25.90 -12.08 -17.29
CA GLY A 252 26.06 -10.80 -17.97
C GLY A 252 24.85 -10.48 -18.81
N LEU A 253 24.51 -9.19 -18.85
CA LEU A 253 23.35 -8.67 -19.55
C LEU A 253 23.41 -8.68 -21.09
N ASP A 254 24.61 -8.73 -21.64
CA ASP A 254 24.77 -8.70 -23.09
C ASP A 254 24.48 -9.99 -23.79
N LYS A 255 24.50 -11.08 -23.07
CA LYS A 255 24.27 -12.39 -23.62
C LYS A 255 22.81 -12.82 -23.63
N GLU A 256 22.35 -13.34 -24.76
CA GLU A 256 20.97 -13.82 -24.83
C GLU A 256 20.96 -15.12 -24.08
N GLN A 257 20.19 -15.15 -23.01
CA GLN A 257 20.19 -16.31 -22.13
C GLN A 257 19.18 -17.38 -22.48
N ALA A 258 18.12 -16.91 -23.12
CA ALA A 258 17.05 -17.81 -23.48
C ALA A 258 16.30 -17.22 -24.63
N ARG A 259 15.60 -18.09 -25.33
CA ARG A 259 14.80 -17.72 -26.46
C ARG A 259 13.63 -18.63 -26.58
N LEU A 260 12.45 -18.04 -26.65
CA LEU A 260 11.19 -18.72 -26.81
C LEU A 260 10.69 -18.40 -28.21
N THR A 261 10.43 -19.47 -28.98
CA THR A 261 10.00 -19.31 -30.37
C THR A 261 8.79 -20.08 -30.76
N LEU A 262 8.01 -19.41 -31.59
CA LEU A 262 6.82 -19.96 -32.18
C LEU A 262 6.72 -19.35 -33.54
N ASP A 263 6.95 -20.16 -34.56
CA ASP A 263 6.89 -19.70 -35.94
C ASP A 263 7.79 -18.53 -36.23
N ASP A 264 7.18 -17.43 -36.65
CA ASP A 264 7.89 -16.20 -37.01
C ASP A 264 8.24 -15.30 -35.85
N THR A 265 7.62 -15.62 -34.73
CA THR A 265 7.74 -14.85 -33.52
C THR A 265 8.64 -15.42 -32.42
N SER A 266 9.61 -14.61 -32.01
CA SER A 266 10.54 -15.02 -30.97
C SER A 266 10.73 -13.97 -29.85
N ILE A 267 10.96 -14.47 -28.62
CA ILE A 267 11.20 -13.65 -27.41
C ILE A 267 12.57 -14.02 -26.86
N SER A 268 13.44 -13.05 -26.78
CA SER A 268 14.76 -13.23 -26.22
C SER A 268 14.79 -12.72 -24.79
N VAL A 269 15.51 -13.45 -23.94
CA VAL A 269 15.65 -13.07 -22.54
C VAL A 269 17.07 -12.64 -22.19
N PHE A 270 17.20 -11.46 -21.58
CA PHE A 270 18.51 -10.98 -21.14
C PHE A 270 18.44 -10.64 -19.65
N THR A 271 19.47 -10.94 -18.86
CA THR A 271 19.38 -10.60 -17.44
C THR A 271 20.76 -10.54 -16.81
N ASP A 272 20.84 -9.84 -15.68
CA ASP A 272 22.11 -9.81 -15.00
C ASP A 272 22.11 -10.77 -13.82
N GLN A 273 21.04 -11.54 -13.73
CA GLN A 273 20.87 -12.52 -12.69
C GLN A 273 21.51 -13.83 -13.12
N PRO A 274 21.84 -14.66 -12.14
CA PRO A 274 22.49 -15.94 -12.36
C PRO A 274 21.57 -17.10 -12.67
N SER A 275 20.29 -16.95 -12.43
CA SER A 275 19.46 -18.09 -12.71
C SER A 275 18.12 -17.71 -13.31
N ILE A 276 17.46 -18.70 -13.88
CA ILE A 276 16.13 -18.49 -14.44
C ILE A 276 15.27 -19.67 -13.97
N VAL A 277 14.20 -19.34 -13.23
CA VAL A 277 13.28 -20.36 -12.81
C VAL A 277 12.26 -20.47 -13.94
N ILE A 278 12.03 -21.68 -14.44
CA ILE A 278 11.06 -21.86 -15.53
C ILE A 278 9.92 -22.71 -15.03
N PHE A 279 8.70 -22.19 -15.11
CA PHE A 279 7.51 -22.91 -14.65
C PHE A 279 6.53 -22.95 -15.82
N THR A 280 6.12 -24.15 -16.19
CA THR A 280 5.23 -24.32 -17.33
C THR A 280 3.73 -24.46 -17.01
N ALA A 281 3.25 -23.63 -16.13
CA ALA A 281 1.84 -23.62 -15.79
C ALA A 281 1.24 -25.02 -15.65
N ASN A 282 1.86 -25.82 -14.79
CA ASN A 282 1.42 -27.17 -14.57
C ASN A 282 0.16 -27.25 -13.72
N PHE A 283 -0.90 -26.55 -14.11
CA PHE A 283 -2.12 -26.52 -13.30
C PHE A 283 -3.14 -27.63 -13.47
N GLY A 284 -2.82 -28.64 -14.24
CA GLY A 284 -3.82 -29.67 -14.41
C GLY A 284 -5.11 -29.13 -15.07
N ASP A 285 -6.24 -29.50 -14.47
CA ASP A 285 -7.58 -29.15 -14.91
C ASP A 285 -8.08 -27.90 -14.24
N LEU A 286 -7.20 -27.19 -13.58
CA LEU A 286 -7.64 -25.99 -12.91
C LEU A 286 -8.55 -25.14 -13.81
N GLY A 287 -8.14 -24.91 -15.04
CA GLY A 287 -8.98 -24.16 -15.96
C GLY A 287 -9.17 -22.67 -15.69
N THR A 288 -8.21 -22.00 -15.11
CA THR A 288 -8.38 -20.58 -14.90
C THR A 288 -8.81 -19.90 -16.19
N LEU A 289 -9.71 -18.94 -16.10
CA LEU A 289 -10.18 -18.27 -17.28
C LEU A 289 -9.45 -16.98 -17.66
N TYR A 290 -8.91 -17.02 -18.85
CA TYR A 290 -8.21 -15.89 -19.43
C TYR A 290 -8.86 -15.44 -20.71
N HIS A 291 -9.52 -14.30 -20.61
CA HIS A 291 -10.20 -13.75 -21.77
C HIS A 291 -11.26 -14.74 -22.18
N GLU A 292 -11.91 -15.26 -21.17
CA GLU A 292 -12.95 -16.20 -21.42
C GLU A 292 -12.51 -17.58 -21.89
N LYS A 293 -11.20 -17.79 -22.09
CA LYS A 293 -10.63 -19.08 -22.49
C LYS A 293 -10.12 -19.89 -21.26
N LYS A 294 -10.61 -21.11 -21.12
CA LYS A 294 -10.18 -21.96 -20.01
C LYS A 294 -8.71 -22.38 -20.17
N GLN A 295 -7.89 -22.06 -19.17
CA GLN A 295 -6.49 -22.43 -19.29
C GLN A 295 -6.22 -23.93 -19.21
N VAL A 296 -5.31 -24.37 -20.07
CA VAL A 296 -4.94 -25.78 -20.07
C VAL A 296 -3.63 -26.00 -19.36
N HIS A 297 -3.46 -27.22 -18.85
CA HIS A 297 -2.20 -27.59 -18.23
C HIS A 297 -1.12 -27.24 -19.26
N HIS A 298 -0.05 -26.58 -18.84
CA HIS A 298 1.00 -26.17 -19.79
C HIS A 298 0.62 -24.97 -20.67
N GLY A 299 -0.45 -24.26 -20.30
CA GLY A 299 -0.95 -23.10 -21.03
C GLY A 299 -0.14 -21.83 -20.82
N GLY A 300 1.11 -21.94 -20.41
CA GLY A 300 1.93 -20.74 -20.23
C GLY A 300 3.31 -21.15 -19.76
N ILE A 301 4.27 -20.23 -19.80
CA ILE A 301 5.64 -20.50 -19.33
C ILE A 301 6.28 -19.21 -18.81
N THR A 302 6.99 -19.31 -17.69
CA THR A 302 7.65 -18.12 -17.13
C THR A 302 9.14 -18.15 -17.34
N PHE A 303 9.79 -17.02 -17.11
CA PHE A 303 11.22 -16.87 -17.15
C PHE A 303 11.51 -15.97 -15.96
N GLU A 304 11.51 -16.54 -14.79
CA GLU A 304 11.73 -15.80 -13.57
C GLU A 304 13.21 -15.67 -13.31
N CYS A 305 13.78 -14.55 -13.71
CA CYS A 305 15.20 -14.34 -13.52
C CYS A 305 15.50 -13.83 -12.10
N GLN A 306 16.40 -14.47 -11.39
CA GLN A 306 16.70 -14.06 -10.02
C GLN A 306 17.82 -14.96 -9.51
N VAL A 307 18.17 -14.83 -8.23
CA VAL A 307 19.15 -15.73 -7.66
C VAL A 307 18.27 -16.94 -7.38
N SER A 308 18.75 -18.13 -7.74
CA SER A 308 18.01 -19.33 -7.55
C SER A 308 17.48 -19.51 -6.14
N PRO A 309 16.24 -20.04 -6.02
CA PRO A 309 15.74 -20.31 -4.69
C PRO A 309 16.56 -21.46 -4.10
N GLY A 310 16.54 -21.62 -2.80
CA GLY A 310 17.24 -22.70 -2.13
C GLY A 310 18.60 -22.37 -1.61
N SER A 311 19.06 -21.12 -1.75
CA SER A 311 20.38 -20.74 -1.28
C SER A 311 20.52 -20.89 0.21
N GLU A 312 19.38 -21.03 0.89
CA GLU A 312 19.42 -21.23 2.31
C GLU A 312 20.01 -22.60 2.58
N GLN A 313 19.89 -23.54 1.62
CA GLN A 313 20.41 -24.90 1.81
C GLN A 313 21.63 -25.20 0.93
N ILE A 314 21.80 -24.47 -0.15
CA ILE A 314 22.89 -24.65 -1.10
C ILE A 314 23.52 -23.31 -1.37
N PRO A 315 24.42 -22.95 -0.46
CA PRO A 315 25.15 -21.70 -0.46
C PRO A 315 25.83 -21.32 -1.76
N GLU A 316 26.23 -22.34 -2.51
CA GLU A 316 26.88 -22.11 -3.78
C GLU A 316 25.99 -21.30 -4.70
N LEU A 317 24.68 -21.47 -4.56
CA LEU A 317 23.76 -20.76 -5.41
C LEU A 317 23.87 -19.27 -5.32
N GLY A 318 24.38 -18.79 -4.21
CA GLY A 318 24.47 -17.37 -4.09
C GLY A 318 24.03 -16.89 -2.73
N ASP A 319 23.91 -15.57 -2.63
CA ASP A 319 23.53 -15.01 -1.35
C ASP A 319 22.59 -13.86 -1.58
N ILE A 320 21.39 -13.93 -0.99
CA ILE A 320 20.46 -12.87 -1.24
C ILE A 320 20.44 -11.79 -0.19
N SER A 321 21.43 -11.73 0.65
CA SER A 321 21.38 -10.70 1.66
C SER A 321 21.55 -9.31 1.11
N LEU A 322 20.94 -8.37 1.80
CA LEU A 322 21.01 -6.99 1.44
C LEU A 322 21.42 -6.27 2.70
N LYS A 323 22.63 -5.71 2.73
CA LYS A 323 23.08 -4.98 3.90
C LYS A 323 22.51 -3.54 3.95
N ALA A 324 22.31 -3.08 5.18
CA ALA A 324 21.78 -1.75 5.38
C ALA A 324 22.54 -0.71 4.60
N GLY A 325 21.80 0.14 3.91
CA GLY A 325 22.45 1.17 3.14
C GLY A 325 22.98 0.78 1.78
N GLU A 326 23.05 -0.49 1.47
CA GLU A 326 23.54 -0.87 0.16
C GLU A 326 22.45 -0.73 -0.91
N LYS A 327 22.83 -0.29 -2.10
CA LYS A 327 21.78 -0.18 -3.12
C LYS A 327 21.65 -1.45 -3.98
N TYR A 328 20.50 -2.08 -3.97
CA TYR A 328 20.30 -3.27 -4.78
C TYR A 328 19.88 -2.86 -6.19
N GLN A 329 20.41 -3.56 -7.21
CA GLN A 329 20.05 -3.25 -8.59
C GLN A 329 19.92 -4.53 -9.38
N ALA A 330 18.99 -4.59 -10.26
CA ALA A 330 18.81 -5.78 -11.08
C ALA A 330 18.14 -5.36 -12.38
N THR A 331 18.46 -6.10 -13.43
CA THR A 331 17.88 -5.78 -14.73
C THR A 331 17.59 -7.02 -15.52
N THR A 332 16.42 -7.03 -16.10
CA THR A 332 15.96 -8.14 -16.93
C THR A 332 15.29 -7.56 -18.16
N ILE A 333 15.63 -8.09 -19.33
CA ILE A 333 15.05 -7.63 -20.59
C ILE A 333 14.38 -8.71 -21.41
N TYR A 334 13.19 -8.38 -21.91
CA TYR A 334 12.45 -9.29 -22.75
C TYR A 334 12.38 -8.60 -24.09
N SER A 335 13.04 -9.16 -25.11
CA SER A 335 13.06 -8.56 -26.41
C SER A 335 12.26 -9.33 -27.46
N LEU A 336 11.34 -8.64 -28.10
CA LEU A 336 10.45 -9.20 -29.13
C LEU A 336 10.98 -9.09 -30.57
N HIS A 337 10.98 -10.21 -31.26
CA HIS A 337 11.46 -10.23 -32.63
C HIS A 337 10.49 -10.96 -33.55
N THR A 338 10.36 -10.40 -34.75
CA THR A 338 9.52 -10.96 -35.79
C THR A 338 10.29 -11.23 -37.07
N LYS A 339 10.35 -12.48 -37.47
CA LYS A 339 11.09 -12.80 -38.68
C LYS A 339 10.42 -12.30 -39.97
N LEU A 340 11.21 -11.59 -40.82
CA LEU A 340 10.76 -11.05 -42.11
C LEU A 340 11.53 -11.77 -43.24
N SER B 2 -23.98 13.38 -7.86
CA SER B 2 -23.08 13.08 -8.93
C SER B 2 -21.73 12.66 -8.36
N ILE B 3 -21.08 11.68 -9.04
CA ILE B 3 -19.79 11.12 -8.71
C ILE B 3 -18.89 11.29 -9.89
N LYS B 4 -17.71 11.81 -9.62
CA LYS B 4 -16.73 12.01 -10.63
C LYS B 4 -15.42 11.46 -10.13
N ILE B 5 -14.62 10.86 -11.02
CA ILE B 5 -13.32 10.37 -10.61
C ILE B 5 -12.26 10.82 -11.62
N ARG B 6 -11.04 11.08 -11.15
CA ARG B 6 -9.97 11.48 -12.03
C ARG B 6 -8.65 11.17 -11.37
N ASP B 7 -7.57 11.14 -12.14
CA ASP B 7 -6.28 10.89 -11.55
C ASP B 7 -5.93 12.07 -10.65
N PHE B 8 -5.28 11.82 -9.53
CA PHE B 8 -4.90 12.88 -8.60
C PHE B 8 -3.39 13.03 -8.50
N GLY B 9 -2.63 12.15 -9.19
CA GLY B 9 -1.16 12.23 -9.17
C GLY B 9 -0.58 10.94 -8.55
N LEU B 10 0.61 10.53 -9.03
CA LEU B 10 1.33 9.34 -8.56
C LEU B 10 0.53 8.06 -8.60
N GLY B 11 -0.58 8.07 -9.30
CA GLY B 11 -1.33 6.82 -9.33
C GLY B 11 -2.51 6.89 -8.39
N SER B 12 -2.68 8.01 -7.67
CA SER B 12 -3.86 8.08 -6.77
C SER B 12 -5.07 8.65 -7.54
N ASP B 13 -6.28 8.47 -7.00
CA ASP B 13 -7.44 9.02 -7.69
C ASP B 13 -8.11 10.03 -6.77
N LEU B 14 -8.93 10.92 -7.37
CA LEU B 14 -9.70 11.91 -6.64
C LEU B 14 -11.13 11.54 -6.93
N ILE B 15 -11.93 11.29 -5.88
CA ILE B 15 -13.35 10.95 -5.97
C ILE B 15 -14.13 12.15 -5.42
N SER B 16 -14.91 12.81 -6.31
CA SER B 16 -15.66 14.00 -5.98
C SER B 16 -17.14 13.74 -6.02
N LEU B 17 -17.79 14.04 -4.91
CA LEU B 17 -19.23 13.86 -4.80
C LEU B 17 -19.91 15.20 -4.58
N THR B 18 -21.11 15.34 -5.16
CA THR B 18 -21.91 16.53 -5.02
C THR B 18 -23.26 16.00 -4.60
N ASN B 19 -23.82 16.49 -3.49
CA ASN B 19 -25.12 15.98 -3.07
C ASN B 19 -26.22 16.81 -3.71
N LYS B 20 -27.45 16.49 -3.35
CA LYS B 20 -28.56 17.21 -3.91
C LYS B 20 -28.56 18.70 -3.51
N ALA B 21 -27.93 19.02 -2.41
CA ALA B 21 -27.88 20.43 -1.98
C ALA B 21 -26.78 21.25 -2.66
N GLY B 22 -25.97 20.61 -3.51
CA GLY B 22 -24.89 21.32 -4.20
C GLY B 22 -23.59 21.37 -3.41
N VAL B 23 -23.53 20.66 -2.27
CA VAL B 23 -22.33 20.65 -1.47
C VAL B 23 -21.43 19.60 -2.07
N THR B 24 -20.13 19.90 -2.20
CA THR B 24 -19.23 18.91 -2.80
C THR B 24 -18.16 18.48 -1.78
N ILE B 25 -17.75 17.25 -1.85
CA ILE B 25 -16.73 16.83 -0.93
C ILE B 25 -15.84 15.88 -1.73
N SER B 26 -14.54 15.80 -1.45
CA SER B 26 -13.76 14.89 -2.29
C SER B 26 -12.75 14.12 -1.48
N PHE B 27 -12.45 12.91 -1.96
CA PHE B 27 -11.50 12.03 -1.25
C PHE B 27 -10.43 11.46 -2.17
N THR B 28 -9.39 10.89 -1.58
CA THR B 28 -8.38 10.25 -2.39
C THR B 28 -8.00 8.95 -1.73
N ASN B 29 -7.59 7.99 -2.55
CA ASN B 29 -7.23 6.70 -2.00
C ASN B 29 -5.83 6.74 -1.39
N LEU B 30 -5.11 7.85 -1.58
CA LEU B 30 -3.83 7.89 -0.95
C LEU B 30 -4.07 8.22 0.53
N GLY B 31 -4.11 7.21 1.42
CA GLY B 31 -4.33 7.44 2.83
C GLY B 31 -5.81 7.46 3.22
N ALA B 32 -6.69 6.97 2.33
CA ALA B 32 -8.18 6.96 2.54
C ALA B 32 -8.58 8.28 3.22
N ARG B 33 -8.24 9.36 2.51
CA ARG B 33 -8.32 10.72 2.96
C ARG B 33 -9.30 11.68 2.36
N ILE B 34 -9.77 12.61 3.20
CA ILE B 34 -10.63 13.65 2.68
C ILE B 34 -9.72 14.73 2.11
N VAL B 35 -10.08 15.22 0.93
CA VAL B 35 -9.25 16.24 0.31
C VAL B 35 -9.88 17.61 0.36
N ASP B 36 -11.17 17.65 0.15
CA ASP B 36 -11.80 18.94 0.19
C ASP B 36 -13.27 18.82 0.53
N TRP B 37 -13.83 19.93 1.00
CA TRP B 37 -15.23 20.02 1.37
C TRP B 37 -15.58 21.47 1.15
N GLN B 38 -16.49 21.72 0.19
CA GLN B 38 -16.82 23.09 -0.11
C GLN B 38 -18.28 23.41 -0.11
N LYS B 39 -18.57 24.64 0.34
CA LYS B 39 -19.92 25.13 0.33
C LYS B 39 -19.88 26.44 -0.35
N ASP B 40 -20.64 26.56 -1.43
CA ASP B 40 -20.65 27.83 -2.14
C ASP B 40 -19.28 28.32 -2.52
N GLY B 41 -18.42 27.45 -3.00
CA GLY B 41 -17.12 27.90 -3.42
C GLY B 41 -16.11 28.11 -2.30
N LYS B 42 -16.49 27.90 -1.05
CA LYS B 42 -15.50 28.12 0.01
C LYS B 42 -15.06 26.82 0.65
N HIS B 43 -13.74 26.67 0.83
CA HIS B 43 -13.25 25.46 1.47
C HIS B 43 -13.57 25.45 2.93
N LEU B 44 -14.14 24.37 3.48
CA LEU B 44 -14.40 24.28 4.90
C LEU B 44 -13.22 23.62 5.67
N ILE B 45 -12.35 22.91 4.92
CA ILE B 45 -11.20 22.23 5.46
C ILE B 45 -9.96 22.59 4.66
N LEU B 46 -8.86 22.11 5.20
CA LEU B 46 -7.55 22.30 4.60
C LEU B 46 -7.21 21.09 3.72
N GLY B 47 -6.63 21.37 2.58
CA GLY B 47 -6.22 20.30 1.69
C GLY B 47 -5.35 20.87 0.59
N PHE B 48 -4.70 19.96 -0.15
CA PHE B 48 -3.83 20.29 -1.26
C PHE B 48 -4.45 20.00 -2.61
N ASP B 49 -3.77 20.38 -3.67
CA ASP B 49 -4.32 20.19 -4.98
C ASP B 49 -3.85 18.97 -5.74
N SER B 50 -2.88 18.24 -5.20
CA SER B 50 -2.36 17.04 -5.82
C SER B 50 -1.75 16.17 -4.77
N ALA B 51 -1.71 14.89 -5.10
CA ALA B 51 -1.12 13.86 -4.29
C ALA B 51 0.33 14.18 -3.86
N LYS B 52 1.14 14.67 -4.77
CA LYS B 52 2.53 14.98 -4.48
C LYS B 52 2.72 15.98 -3.34
N GLU B 53 1.80 16.92 -3.25
CA GLU B 53 1.84 17.94 -2.23
C GLU B 53 1.70 17.28 -0.88
N TYR B 54 0.81 16.29 -0.80
CA TYR B 54 0.67 15.63 0.47
C TYR B 54 1.98 14.96 0.89
N LEU B 55 2.58 14.29 -0.07
CA LEU B 55 3.79 13.57 0.22
C LEU B 55 4.97 14.49 0.47
N GLU B 56 4.93 15.64 -0.16
CA GLU B 56 6.05 16.54 0.03
C GLU B 56 5.87 17.58 1.11
N LYS B 57 4.63 18.05 1.34
CA LYS B 57 4.42 19.06 2.35
C LYS B 57 3.95 18.47 3.67
N ASP B 58 2.84 17.75 3.65
CA ASP B 58 2.45 17.22 4.93
C ASP B 58 1.50 16.10 4.64
N ALA B 59 1.88 14.94 5.08
CA ALA B 59 1.01 13.80 4.78
C ALA B 59 -0.14 13.50 5.69
N TYR B 60 -0.34 14.30 6.75
CA TYR B 60 -1.45 14.00 7.66
C TYR B 60 -2.80 14.59 7.37
N PRO B 61 -2.82 15.77 6.81
CA PRO B 61 -4.10 16.37 6.61
C PRO B 61 -5.13 15.52 5.96
N GLY B 62 -6.23 15.41 6.64
CA GLY B 62 -7.42 14.69 6.20
C GLY B 62 -7.25 13.19 6.12
N ALA B 63 -6.09 12.68 6.50
CA ALA B 63 -5.91 11.24 6.36
C ALA B 63 -6.50 10.38 7.41
N THR B 64 -6.55 9.08 7.06
CA THR B 64 -6.90 8.04 7.98
C THR B 64 -5.54 7.67 8.60
N VAL B 65 -5.37 7.78 9.92
CA VAL B 65 -4.10 7.41 10.55
C VAL B 65 -4.27 6.24 11.52
N GLY B 66 -3.24 5.40 11.57
CA GLY B 66 -3.23 4.23 12.41
C GLY B 66 -2.02 3.39 12.08
N PRO B 67 -2.03 2.13 12.54
CA PRO B 67 -3.15 1.50 13.26
C PRO B 67 -3.55 2.11 14.59
N THR B 68 -2.64 2.83 15.21
CA THR B 68 -2.94 3.47 16.46
C THR B 68 -2.73 4.93 16.30
N ALA B 69 -3.72 5.71 16.63
CA ALA B 69 -3.52 7.15 16.49
C ALA B 69 -2.89 7.80 17.72
N GLY B 70 -1.96 8.78 17.52
CA GLY B 70 -1.40 9.46 18.66
C GLY B 70 -0.03 8.90 18.99
N ARG B 71 0.52 9.32 20.11
CA ARG B 71 1.84 8.88 20.60
C ARG B 71 1.78 7.72 21.60
N ILE B 72 2.68 6.75 21.42
CA ILE B 72 2.81 5.63 22.34
C ILE B 72 4.18 5.75 22.92
N LYS B 73 4.23 6.05 24.21
CA LYS B 73 5.52 6.26 24.88
C LYS B 73 6.54 5.14 24.66
N ASP B 74 7.73 5.48 24.16
CA ASP B 74 8.76 4.47 23.89
C ASP B 74 8.37 3.35 22.94
N GLY B 75 7.30 3.48 22.15
CA GLY B 75 6.85 2.47 21.20
C GLY B 75 6.45 1.18 21.88
N LEU B 76 6.20 1.23 23.18
CA LEU B 76 5.89 0.01 23.86
C LEU B 76 4.45 -0.29 24.18
N VAL B 77 3.97 -1.45 23.73
CA VAL B 77 2.61 -1.88 24.04
C VAL B 77 2.68 -3.29 24.60
N LYS B 78 1.63 -3.62 25.32
CA LYS B 78 1.52 -4.92 25.91
C LYS B 78 0.32 -5.61 25.33
N ILE B 79 0.60 -6.70 24.62
CA ILE B 79 -0.45 -7.44 23.96
C ILE B 79 -0.52 -8.86 24.47
N SER B 80 -1.61 -9.14 25.15
CA SER B 80 -1.83 -10.44 25.73
C SER B 80 -0.62 -10.89 26.54
N GLY B 81 -0.28 -10.06 27.52
CA GLY B 81 0.84 -10.35 28.38
C GLY B 81 2.19 -10.19 27.73
N LYS B 82 2.23 -9.87 26.45
CA LYS B 82 3.52 -9.73 25.83
C LYS B 82 3.81 -8.31 25.50
N ASP B 83 5.04 -7.96 25.71
CA ASP B 83 5.50 -6.65 25.41
C ASP B 83 5.91 -6.60 23.93
N TYR B 84 5.52 -5.54 23.20
CA TYR B 84 5.89 -5.39 21.79
C TYR B 84 6.38 -4.01 21.58
N ILE B 85 7.45 -3.90 20.83
CA ILE B 85 8.00 -2.60 20.49
C ILE B 85 7.65 -2.28 19.04
N LEU B 86 6.97 -1.15 18.85
CA LEU B 86 6.54 -0.70 17.54
C LEU B 86 7.54 0.25 16.95
N ASN B 87 7.39 0.51 15.67
CA ASN B 87 8.33 1.41 15.00
C ASN B 87 8.37 2.74 15.74
N GLN B 88 9.53 3.30 15.95
CA GLN B 88 9.60 4.57 16.65
C GLN B 88 10.02 5.64 15.67
N ASN B 89 9.13 6.56 15.35
CA ASN B 89 9.38 7.57 14.38
C ASN B 89 9.44 8.98 14.94
N GLU B 90 9.23 9.13 16.24
CA GLU B 90 9.29 10.48 16.85
C GLU B 90 10.13 10.29 18.11
N GLY B 91 11.44 10.36 17.92
CA GLY B 91 12.27 10.06 19.07
C GLY B 91 11.98 8.59 19.44
N PRO B 92 11.86 8.23 20.70
CA PRO B 92 11.58 6.84 21.02
C PRO B 92 10.11 6.57 20.97
N GLN B 93 9.34 7.59 20.57
CA GLN B 93 7.92 7.38 20.48
C GLN B 93 7.46 6.89 19.11
N THR B 94 6.34 6.18 19.16
CA THR B 94 5.64 5.72 17.98
C THR B 94 4.49 6.71 17.79
N LEU B 95 4.57 7.51 16.73
CA LEU B 95 3.53 8.51 16.46
C LEU B 95 2.72 8.08 15.23
N HIS B 96 1.37 8.12 15.33
CA HIS B 96 0.47 7.75 14.24
C HIS B 96 0.86 6.48 13.49
N GLY B 97 1.13 5.43 14.25
CA GLY B 97 1.44 4.15 13.65
C GLY B 97 2.82 3.94 13.13
N GLY B 98 3.73 4.89 13.31
CA GLY B 98 5.09 4.62 12.82
C GLY B 98 5.39 5.29 11.48
N GLU B 99 6.63 5.15 11.04
CA GLU B 99 6.97 5.72 9.76
C GLU B 99 6.24 5.04 8.60
N GLU B 100 6.08 5.81 7.53
CA GLU B 100 5.47 5.32 6.31
C GLU B 100 4.26 4.43 6.57
N SER B 101 3.41 4.92 7.42
CA SER B 101 2.17 4.21 7.82
C SER B 101 1.05 4.33 6.78
N ILE B 102 -0.13 3.87 7.18
CA ILE B 102 -1.31 3.78 6.33
C ILE B 102 -1.74 5.00 5.58
N HIS B 103 -1.39 6.16 6.14
CA HIS B 103 -1.73 7.45 5.58
C HIS B 103 -0.92 7.74 4.30
N THR B 104 0.14 6.94 4.12
CA THR B 104 1.01 7.10 2.98
C THR B 104 0.77 6.04 1.91
N LYS B 105 -0.15 5.10 2.12
CA LYS B 105 -0.35 4.05 1.14
C LYS B 105 -1.53 4.30 0.23
N LEU B 106 -1.54 3.64 -0.95
CA LEU B 106 -2.68 3.77 -1.84
C LEU B 106 -3.63 2.65 -1.42
N TRP B 107 -4.84 2.97 -0.98
CA TRP B 107 -5.75 1.90 -0.59
C TRP B 107 -6.62 1.54 -1.80
N THR B 108 -7.13 0.33 -1.89
CA THR B 108 -8.03 0.03 -3.03
C THR B 108 -9.41 0.58 -2.59
N TYR B 109 -10.32 0.77 -3.55
CA TYR B 109 -11.63 1.29 -3.16
C TYR B 109 -12.72 0.92 -4.14
N GLU B 110 -13.95 0.95 -3.65
CA GLU B 110 -15.13 0.70 -4.43
C GLU B 110 -16.16 1.74 -4.02
N VAL B 111 -16.91 2.26 -4.98
CA VAL B 111 -17.93 3.26 -4.71
C VAL B 111 -19.30 2.69 -4.79
N THR B 112 -20.14 2.94 -3.79
CA THR B 112 -21.51 2.44 -3.85
C THR B 112 -22.51 3.57 -3.81
N ASP B 113 -23.26 3.71 -4.90
CA ASP B 113 -24.23 4.74 -5.02
C ASP B 113 -25.59 4.30 -4.51
N LEU B 114 -26.02 4.95 -3.44
CA LEU B 114 -27.29 4.67 -2.82
C LEU B 114 -28.32 5.76 -3.04
N GLY B 115 -28.04 6.63 -3.98
CA GLY B 115 -29.01 7.66 -4.21
C GLY B 115 -28.81 8.85 -3.32
N ALA B 116 -29.47 8.82 -2.17
CA ALA B 116 -29.39 9.91 -1.21
C ALA B 116 -28.06 9.92 -0.44
N GLU B 117 -27.35 8.81 -0.57
CA GLU B 117 -26.06 8.65 0.07
C GLU B 117 -25.11 7.92 -0.87
N VAL B 118 -23.83 8.33 -0.89
CA VAL B 118 -22.84 7.68 -1.72
C VAL B 118 -21.74 7.21 -0.76
N GLN B 119 -21.29 5.95 -0.87
CA GLN B 119 -20.24 5.45 0.00
C GLN B 119 -18.96 5.15 -0.74
N VAL B 120 -17.83 5.50 -0.15
CA VAL B 120 -16.55 5.20 -0.77
C VAL B 120 -15.85 4.33 0.26
N LYS B 121 -15.72 3.06 -0.05
CA LYS B 121 -15.11 2.13 0.86
C LYS B 121 -13.68 1.83 0.44
N PHE B 122 -12.71 2.23 1.28
CA PHE B 122 -11.31 2.00 1.00
C PHE B 122 -10.80 0.81 1.79
N SER B 123 -9.96 -0.03 1.14
CA SER B 123 -9.43 -1.20 1.82
C SER B 123 -7.91 -1.30 1.81
N LEU B 124 -7.37 -1.91 2.87
CA LEU B 124 -5.95 -2.11 2.94
C LEU B 124 -5.71 -3.19 3.95
N VAL B 125 -4.65 -3.90 3.73
CA VAL B 125 -4.22 -4.96 4.61
C VAL B 125 -2.90 -4.56 5.21
N SER B 126 -2.83 -4.57 6.52
CA SER B 126 -1.59 -4.29 7.23
C SER B 126 -1.00 -5.68 7.48
N ASN B 127 0.12 -6.04 6.82
CA ASN B 127 0.67 -7.39 7.00
C ASN B 127 1.13 -7.63 8.43
N ASP B 128 1.12 -8.89 8.83
CA ASP B 128 1.57 -9.20 10.16
C ASP B 128 2.97 -8.63 10.31
N GLY B 129 3.26 -8.05 11.45
CA GLY B 129 4.61 -7.50 11.71
C GLY B 129 4.91 -6.12 11.16
N THR B 130 4.04 -5.59 10.28
CA THR B 130 4.29 -4.26 9.71
C THR B 130 4.50 -3.20 10.81
N ASN B 131 5.67 -2.54 10.84
CA ASN B 131 5.93 -1.54 11.85
C ASN B 131 5.87 -2.07 13.29
N GLY B 132 5.94 -3.42 13.47
CA GLY B 132 5.94 -4.05 14.76
C GLY B 132 4.55 -4.57 15.17
N TYR B 133 3.52 -4.20 14.43
CA TYR B 133 2.15 -4.64 14.78
C TYR B 133 1.76 -6.09 14.37
N PRO B 134 1.31 -6.90 15.34
CA PRO B 134 0.90 -8.26 14.99
C PRO B 134 -0.31 -8.13 14.06
N GLY B 135 -0.42 -9.05 13.09
CA GLY B 135 -1.52 -8.98 12.15
C GLY B 135 -1.63 -10.35 11.55
N LYS B 136 -2.07 -10.44 10.30
CA LYS B 136 -2.42 -9.30 9.48
C LYS B 136 -3.72 -8.66 9.87
N ILE B 137 -3.87 -7.41 9.51
CA ILE B 137 -5.06 -6.70 9.84
C ILE B 137 -5.76 -6.30 8.56
N GLU B 138 -7.00 -6.76 8.36
CA GLU B 138 -7.73 -6.33 7.15
C GLU B 138 -8.57 -5.12 7.56
N MET B 139 -8.24 -3.96 7.01
CA MET B 139 -8.93 -2.77 7.39
C MET B 139 -9.79 -2.22 6.29
N SER B 140 -10.76 -1.44 6.67
CA SER B 140 -11.57 -0.77 5.69
C SER B 140 -12.12 0.50 6.31
N VAL B 141 -12.11 1.57 5.51
CA VAL B 141 -12.63 2.84 5.93
C VAL B 141 -13.69 3.25 4.93
N THR B 142 -14.91 3.48 5.39
CA THR B 142 -15.92 3.91 4.44
C THR B 142 -16.23 5.39 4.67
N HIS B 143 -16.06 6.22 3.63
CA HIS B 143 -16.42 7.60 3.79
C HIS B 143 -17.69 7.77 3.02
N SER B 144 -18.71 8.38 3.59
CA SER B 144 -19.95 8.55 2.89
C SER B 144 -20.46 9.97 3.08
N PHE B 145 -21.26 10.43 2.12
CA PHE B 145 -21.80 11.77 2.19
C PHE B 145 -23.22 11.67 1.72
N ASP B 146 -24.12 12.37 2.38
CA ASP B 146 -25.48 12.27 1.99
C ASP B 146 -26.12 13.62 1.70
N ASP B 147 -27.40 13.56 1.32
CA ASP B 147 -28.23 14.72 1.00
C ASP B 147 -28.52 15.64 2.19
N ASP B 148 -28.27 15.12 3.40
CA ASP B 148 -28.44 15.88 4.62
C ASP B 148 -27.14 16.54 5.09
N ASN B 149 -26.12 16.54 4.22
CA ASN B 149 -24.83 17.16 4.53
C ASN B 149 -24.04 16.51 5.65
N LYS B 150 -24.20 15.21 5.79
CA LYS B 150 -23.47 14.50 6.80
C LYS B 150 -22.38 13.71 6.12
N TRP B 151 -21.14 13.86 6.61
CA TRP B 151 -20.00 13.12 6.10
C TRP B 151 -19.69 12.11 7.19
N LYS B 152 -19.84 10.82 6.89
CA LYS B 152 -19.61 9.87 7.91
C LYS B 152 -18.43 8.99 7.55
N ILE B 153 -17.68 8.61 8.61
CA ILE B 153 -16.54 7.71 8.57
C ILE B 153 -16.83 6.49 9.40
N HIS B 154 -16.75 5.34 8.77
CA HIS B 154 -17.00 4.10 9.44
C HIS B 154 -15.76 3.19 9.27
N TYR B 155 -15.17 2.79 10.37
CA TYR B 155 -14.01 1.95 10.33
C TYR B 155 -14.35 0.51 10.65
N GLU B 156 -13.67 -0.41 10.00
CA GLU B 156 -13.87 -1.83 10.32
C GLU B 156 -12.54 -2.54 10.16
N ALA B 157 -12.30 -3.49 11.04
CA ALA B 157 -11.06 -4.24 10.98
C ALA B 157 -11.19 -5.56 11.71
N ILE B 158 -10.41 -6.52 11.21
CA ILE B 158 -10.26 -7.88 11.74
C ILE B 158 -8.80 -8.29 11.61
N SER B 159 -8.26 -8.82 12.71
CA SER B 159 -6.90 -9.26 12.85
C SER B 159 -6.82 -10.75 13.03
N ASP B 160 -5.75 -11.33 12.46
CA ASP B 160 -5.47 -12.74 12.53
C ASP B 160 -4.84 -13.05 13.87
N LYS B 161 -4.29 -12.02 14.52
CA LYS B 161 -3.61 -12.13 15.81
C LYS B 161 -4.06 -11.04 16.76
N ASP B 162 -3.93 -11.28 18.06
CA ASP B 162 -4.28 -10.28 19.06
C ASP B 162 -3.39 -9.09 18.78
N THR B 163 -3.93 -7.91 18.66
CA THR B 163 -3.05 -6.77 18.33
C THR B 163 -3.63 -5.53 19.01
N VAL B 164 -3.29 -4.33 18.55
CA VAL B 164 -3.90 -3.10 19.10
C VAL B 164 -4.48 -2.35 17.87
N PHE B 165 -5.57 -1.59 18.06
CA PHE B 165 -6.18 -0.84 16.95
C PHE B 165 -6.97 0.37 17.43
N ASN B 166 -6.65 1.56 16.94
CA ASN B 166 -7.32 2.76 17.42
C ASN B 166 -6.99 3.88 16.43
N PRO B 167 -7.58 3.75 15.25
CA PRO B 167 -7.35 4.72 14.21
C PRO B 167 -8.20 5.99 14.40
N THR B 168 -7.88 7.01 13.61
CA THR B 168 -8.64 8.24 13.63
C THR B 168 -8.56 8.91 12.25
N GLY B 169 -9.37 9.97 12.05
CA GLY B 169 -9.46 10.77 10.84
C GLY B 169 -8.84 12.08 11.20
N HIS B 170 -7.92 12.46 10.36
CA HIS B 170 -7.16 13.65 10.65
C HIS B 170 -7.47 14.93 9.88
N VAL B 171 -8.72 15.19 9.61
CA VAL B 171 -9.04 16.42 8.91
C VAL B 171 -8.77 17.64 9.80
N TYR B 172 -8.48 18.77 9.14
CA TYR B 172 -8.28 20.03 9.79
C TYR B 172 -9.36 20.93 9.25
N PHE B 173 -10.11 21.59 10.11
CA PHE B 173 -11.07 22.50 9.56
C PHE B 173 -10.53 23.90 9.64
N ASN B 174 -11.06 24.74 8.77
CA ASN B 174 -10.76 26.15 8.81
C ASN B 174 -11.88 26.83 8.08
N LEU B 175 -12.90 27.30 8.85
CA LEU B 175 -14.06 27.91 8.25
C LEU B 175 -13.82 29.23 7.57
N ASN B 176 -12.60 29.75 7.69
CA ASN B 176 -12.26 31.00 6.99
C ASN B 176 -12.07 30.72 5.51
N GLY B 177 -11.81 29.44 5.19
CA GLY B 177 -11.59 28.96 3.84
C GLY B 177 -10.25 29.40 3.30
N ASP B 178 -9.37 29.84 4.20
CA ASP B 178 -8.03 30.33 3.87
C ASP B 178 -7.08 30.03 5.03
N ALA B 179 -6.04 29.23 4.74
CA ALA B 179 -5.06 28.78 5.72
C ALA B 179 -4.31 29.88 6.39
N SER B 180 -4.30 31.01 5.72
CA SER B 180 -3.59 32.13 6.26
C SER B 180 -4.41 32.88 7.30
N GLU B 181 -5.59 32.39 7.59
CA GLU B 181 -6.45 33.03 8.56
C GLU B 181 -6.62 32.09 9.75
N SER B 182 -6.31 32.64 10.95
CA SER B 182 -6.38 31.92 12.21
C SER B 182 -7.80 31.49 12.56
N VAL B 183 -7.94 30.36 13.22
CA VAL B 183 -9.28 29.94 13.58
C VAL B 183 -9.66 30.55 14.93
N GLU B 184 -8.88 31.53 15.43
CA GLU B 184 -9.21 32.14 16.71
C GLU B 184 -10.57 32.80 16.68
N ASN B 185 -11.04 33.09 15.46
CA ASN B 185 -12.33 33.73 15.30
C ASN B 185 -13.50 32.75 15.27
N HIS B 186 -13.23 31.49 15.43
CA HIS B 186 -14.32 30.52 15.42
C HIS B 186 -14.86 30.28 16.82
N GLY B 187 -16.13 29.86 16.92
CA GLY B 187 -16.68 29.56 18.22
C GLY B 187 -16.64 28.04 18.41
N LEU B 188 -16.30 27.61 19.60
CA LEU B 188 -16.23 26.17 19.85
C LEU B 188 -17.08 25.79 21.08
N ARG B 189 -17.84 24.71 20.94
CA ARG B 189 -18.66 24.16 22.02
C ARG B 189 -18.19 22.71 22.10
N LEU B 190 -17.83 22.24 23.29
CA LEU B 190 -17.32 20.88 23.44
C LEU B 190 -17.76 20.27 24.77
N ALA B 191 -18.49 19.18 24.67
CA ALA B 191 -19.01 18.48 25.84
C ALA B 191 -18.02 17.64 26.64
N ALA B 192 -17.01 18.29 27.14
CA ALA B 192 -15.98 17.63 27.91
C ALA B 192 -15.57 18.46 29.13
N SER B 193 -15.52 17.79 30.29
CA SER B 193 -15.16 18.40 31.56
C SER B 193 -13.75 18.10 31.98
N ARG B 194 -13.13 17.16 31.29
CA ARG B 194 -11.77 16.79 31.67
C ARG B 194 -10.82 16.67 30.49
N PHE B 195 -9.53 16.81 30.76
CA PHE B 195 -8.52 16.66 29.74
C PHE B 195 -7.30 15.88 30.22
N VAL B 196 -6.45 15.51 29.27
CA VAL B 196 -5.25 14.76 29.57
C VAL B 196 -4.02 15.65 29.32
N PRO B 197 -3.34 16.07 30.38
CA PRO B 197 -2.16 16.91 30.23
C PRO B 197 -0.99 16.07 29.72
N LEU B 198 -0.07 16.74 29.02
CA LEU B 198 1.11 16.13 28.46
C LEU B 198 2.26 16.38 29.41
N LYS B 199 3.18 15.44 29.46
CA LYS B 199 4.30 15.56 30.37
C LYS B 199 5.22 16.71 30.09
N ASP B 200 5.57 16.87 28.82
CA ASP B 200 6.47 17.90 28.34
C ASP B 200 6.43 18.00 26.82
N GLN B 201 7.49 18.62 26.25
CA GLN B 201 7.65 18.85 24.82
C GLN B 201 7.58 17.59 23.93
N THR B 202 7.85 16.43 24.50
CA THR B 202 7.81 15.18 23.76
C THR B 202 6.38 14.75 23.56
N GLU B 203 5.56 15.40 24.33
CA GLU B 203 4.14 15.16 24.21
C GLU B 203 3.57 13.87 24.66
N ILE B 204 4.30 13.10 25.47
CA ILE B 204 3.68 11.88 25.98
C ILE B 204 2.79 12.34 27.14
N VAL B 205 1.82 11.52 27.56
CA VAL B 205 0.95 11.93 28.64
C VAL B 205 1.63 12.10 30.00
N ARG B 206 1.13 13.05 30.76
CA ARG B 206 1.70 13.28 32.06
C ARG B 206 1.43 12.15 33.05
N GLY B 207 0.26 11.56 32.98
CA GLY B 207 -0.11 10.44 33.86
C GLY B 207 -1.39 10.69 34.63
N ASP B 208 -1.82 11.96 34.63
CA ASP B 208 -3.04 12.36 35.32
C ASP B 208 -4.12 12.92 34.38
N ILE B 209 -5.36 12.96 34.89
CA ILE B 209 -6.56 13.47 34.26
C ILE B 209 -7.00 14.66 35.07
N VAL B 210 -7.11 15.79 34.43
CA VAL B 210 -7.44 17.02 35.08
C VAL B 210 -8.78 17.60 34.62
N ASP B 211 -9.54 18.11 35.61
CA ASP B 211 -10.83 18.78 35.41
C ASP B 211 -10.56 20.22 34.89
N ILE B 212 -11.23 20.65 33.81
CA ILE B 212 -10.97 21.97 33.22
C ILE B 212 -12.10 22.93 33.31
N LYS B 213 -13.12 22.53 34.08
CA LYS B 213 -14.26 23.40 34.24
C LYS B 213 -13.83 24.75 34.72
N ASN B 214 -14.40 25.77 34.09
CA ASN B 214 -14.14 27.14 34.44
C ASN B 214 -12.74 27.64 34.12
N THR B 215 -11.98 26.93 33.30
CA THR B 215 -10.66 27.42 32.96
C THR B 215 -10.79 27.90 31.53
N ASP B 216 -9.70 28.39 30.98
CA ASP B 216 -9.73 28.83 29.59
C ASP B 216 -9.92 27.64 28.63
N LEU B 217 -9.83 26.37 29.10
CA LEU B 217 -10.03 25.24 28.19
C LEU B 217 -11.45 24.65 28.32
N ASP B 218 -12.28 25.35 29.07
CA ASP B 218 -13.65 24.91 29.28
C ASP B 218 -14.57 25.39 28.15
N PHE B 219 -15.00 24.52 27.25
CA PHE B 219 -15.84 24.94 26.16
C PHE B 219 -17.22 24.33 26.22
N ARG B 220 -17.65 23.92 27.40
CA ARG B 220 -18.98 23.32 27.51
C ARG B 220 -20.05 24.25 26.95
N GLN B 221 -19.82 25.53 27.19
CA GLN B 221 -20.62 26.64 26.72
C GLN B 221 -19.73 27.31 25.68
N GLU B 222 -20.31 27.55 24.51
CA GLU B 222 -19.57 28.09 23.43
C GLU B 222 -18.78 29.31 23.74
N LYS B 223 -17.53 29.32 23.29
CA LYS B 223 -16.69 30.49 23.40
C LYS B 223 -15.72 30.58 22.26
N GLN B 224 -15.19 31.78 21.99
CA GLN B 224 -14.25 31.93 20.90
C GLN B 224 -12.98 31.17 21.16
N LEU B 225 -12.36 30.66 20.09
CA LEU B 225 -11.12 29.92 20.29
C LEU B 225 -9.99 30.82 20.78
N SER B 226 -10.09 32.14 20.48
CA SER B 226 -9.05 33.03 20.95
C SER B 226 -8.85 32.93 22.46
N ASN B 227 -9.89 32.53 23.20
CA ASN B 227 -9.79 32.44 24.67
C ASN B 227 -8.76 31.44 25.11
N ALA B 228 -8.69 30.33 24.37
CA ALA B 228 -7.70 29.30 24.66
C ALA B 228 -6.31 29.75 24.22
N PHE B 229 -6.28 30.27 23.00
CA PHE B 229 -5.02 30.72 22.40
C PHE B 229 -4.34 31.82 23.17
N ASN B 230 -5.13 32.63 23.86
CA ASN B 230 -4.53 33.69 24.58
C ASN B 230 -4.18 33.28 25.98
N SER B 231 -4.64 32.12 26.36
CA SER B 231 -4.37 31.61 27.68
C SER B 231 -2.89 31.41 28.04
N ASN B 232 -2.53 31.64 29.31
CA ASN B 232 -1.14 31.40 29.74
C ASN B 232 -1.05 30.19 30.65
N MET B 233 -2.13 29.39 30.61
CA MET B 233 -2.17 28.16 31.36
C MET B 233 -0.98 27.36 30.85
N GLU B 234 -0.33 26.64 31.79
CA GLU B 234 0.85 25.85 31.51
C GLU B 234 0.71 24.94 30.30
N GLN B 235 -0.43 24.27 30.24
CA GLN B 235 -0.58 23.34 29.16
C GLN B 235 -0.68 23.98 27.81
N VAL B 236 -1.27 25.16 27.77
CA VAL B 236 -1.41 25.90 26.53
C VAL B 236 -0.04 26.44 26.15
N GLN B 237 0.70 26.87 27.14
CA GLN B 237 2.01 27.42 26.81
C GLN B 237 2.96 26.34 26.33
N LEU B 238 2.78 25.15 26.85
CA LEU B 238 3.65 24.07 26.52
C LEU B 238 3.63 23.74 25.03
N VAL B 239 2.42 23.68 24.48
CA VAL B 239 2.21 23.35 23.07
C VAL B 239 1.96 24.52 22.15
N LYS B 240 1.80 25.71 22.70
CA LYS B 240 1.53 26.91 21.91
C LYS B 240 0.17 26.89 21.23
N GLY B 241 -0.82 26.38 21.99
CA GLY B 241 -2.19 26.28 21.51
C GLY B 241 -2.80 25.07 22.22
N ILE B 242 -3.59 24.30 21.48
CA ILE B 242 -4.19 23.11 22.03
C ILE B 242 -3.62 21.93 21.24
N ASP B 243 -3.38 20.82 21.92
CA ASP B 243 -2.88 19.60 21.33
C ASP B 243 -3.15 18.51 22.36
N HIS B 244 -4.42 18.31 22.67
CA HIS B 244 -4.71 17.41 23.74
C HIS B 244 -5.94 16.65 23.57
N PRO B 245 -5.98 15.57 24.31
CA PRO B 245 -7.17 14.74 24.32
C PRO B 245 -8.15 15.31 25.33
N PHE B 246 -9.38 15.38 24.91
CA PHE B 246 -10.48 15.85 25.75
C PHE B 246 -11.39 14.64 26.03
N LEU B 247 -11.77 14.39 27.30
CA LEU B 247 -12.63 13.22 27.63
C LEU B 247 -14.09 13.60 27.57
N LEU B 248 -14.82 12.97 26.67
CA LEU B 248 -16.25 13.28 26.52
C LEU B 248 -17.01 12.92 27.79
N ASP B 249 -17.90 13.80 28.20
CA ASP B 249 -18.67 13.57 29.42
C ASP B 249 -19.73 12.51 29.27
N GLN B 250 -20.36 12.49 28.11
CA GLN B 250 -21.41 11.53 27.82
C GLN B 250 -21.12 10.85 26.50
N LEU B 251 -21.10 9.55 26.52
CA LEU B 251 -20.83 8.80 25.32
C LEU B 251 -22.06 8.43 24.53
N GLY B 252 -21.85 8.27 23.22
CA GLY B 252 -22.97 7.89 22.40
C GLY B 252 -22.95 8.65 21.12
N LEU B 253 -23.28 7.92 20.07
CA LEU B 253 -23.27 8.48 18.74
C LEU B 253 -24.40 9.48 18.51
N ASP B 254 -25.40 9.40 19.36
CA ASP B 254 -26.58 10.23 19.31
C ASP B 254 -26.40 11.66 19.78
N LYS B 255 -25.38 11.94 20.58
CA LYS B 255 -25.15 13.29 21.12
C LYS B 255 -24.17 14.17 20.36
N GLU B 256 -24.48 15.46 20.25
CA GLU B 256 -23.57 16.38 19.58
C GLU B 256 -22.42 16.62 20.55
N GLN B 257 -21.27 16.02 20.29
CA GLN B 257 -20.14 16.17 21.17
C GLN B 257 -19.41 17.50 21.03
N ALA B 258 -19.38 18.00 19.82
CA ALA B 258 -18.71 19.28 19.56
C ALA B 258 -19.35 20.02 18.41
N ARG B 259 -19.17 21.32 18.44
CA ARG B 259 -19.70 22.13 17.38
C ARG B 259 -18.71 23.28 17.10
N LEU B 260 -18.37 23.48 15.83
CA LEU B 260 -17.43 24.56 15.46
C LEU B 260 -18.22 25.48 14.53
N THR B 261 -18.30 26.79 14.91
CA THR B 261 -19.08 27.76 14.17
C THR B 261 -18.29 28.98 13.76
N LEU B 262 -18.67 29.51 12.60
CA LEU B 262 -18.13 30.74 12.06
C LEU B 262 -19.26 31.38 11.29
N ASP B 263 -19.77 32.50 11.82
CA ASP B 263 -20.85 33.17 11.14
C ASP B 263 -22.06 32.24 11.00
N ASP B 264 -22.51 32.04 9.77
CA ASP B 264 -23.70 31.19 9.58
C ASP B 264 -23.44 29.72 9.36
N THR B 265 -22.17 29.32 9.41
CA THR B 265 -21.78 27.93 9.19
C THR B 265 -21.30 27.22 10.43
N SER B 266 -21.81 26.00 10.64
CA SER B 266 -21.39 25.17 11.77
C SER B 266 -21.08 23.76 11.33
N ILE B 267 -20.12 23.14 12.00
CA ILE B 267 -19.78 21.75 11.78
C ILE B 267 -20.05 21.06 13.14
N SER B 268 -20.86 20.02 13.16
CA SER B 268 -21.16 19.31 14.37
C SER B 268 -20.46 17.98 14.32
N VAL B 269 -19.98 17.56 15.49
CA VAL B 269 -19.23 16.32 15.59
C VAL B 269 -19.95 15.29 16.44
N PHE B 270 -20.09 14.08 15.90
CA PHE B 270 -20.73 12.96 16.56
C PHE B 270 -19.78 11.78 16.46
N THR B 271 -19.73 10.98 17.50
CA THR B 271 -18.84 9.85 17.40
C THR B 271 -19.21 8.83 18.46
N ASP B 272 -18.74 7.62 18.28
CA ASP B 272 -19.02 6.60 19.27
C ASP B 272 -17.78 6.37 20.15
N GLN B 273 -16.75 7.15 19.90
CA GLN B 273 -15.48 7.07 20.61
C GLN B 273 -15.53 7.89 21.90
N PRO B 274 -14.64 7.61 22.87
CA PRO B 274 -14.62 8.28 24.16
C PRO B 274 -13.92 9.63 24.31
N SER B 275 -13.03 9.99 23.39
CA SER B 275 -12.33 11.26 23.48
C SER B 275 -12.13 11.87 22.12
N ILE B 276 -11.67 13.13 22.15
CA ILE B 276 -11.38 13.89 20.95
C ILE B 276 -10.11 14.65 21.20
N VAL B 277 -9.14 14.33 20.38
CA VAL B 277 -7.85 14.99 20.49
C VAL B 277 -8.02 16.21 19.64
N ILE B 278 -7.72 17.39 20.19
CA ILE B 278 -7.86 18.60 19.40
C ILE B 278 -6.48 19.19 19.22
N PHE B 279 -6.09 19.46 17.98
CA PHE B 279 -4.74 20.06 17.72
C PHE B 279 -5.04 21.24 16.88
N THR B 280 -4.55 22.39 17.31
CA THR B 280 -4.82 23.58 16.57
C THR B 280 -3.69 24.08 15.68
N ALA B 281 -3.01 23.22 14.92
CA ALA B 281 -1.99 23.64 13.99
C ALA B 281 -1.01 24.66 14.54
N ASN B 282 -0.41 24.31 15.67
CA ASN B 282 0.54 25.15 16.39
C ASN B 282 1.86 25.14 15.69
N PHE B 283 1.86 25.46 14.40
CA PHE B 283 3.10 25.38 13.62
C PHE B 283 3.98 26.59 13.59
N GLY B 284 3.61 27.61 14.29
CA GLY B 284 4.45 28.77 14.27
C GLY B 284 4.54 29.32 12.86
N ASP B 285 5.75 29.72 12.50
CA ASP B 285 6.00 30.31 11.22
C ASP B 285 6.33 29.35 10.06
N LEU B 286 6.20 28.04 10.26
CA LEU B 286 6.46 27.04 9.24
C LEU B 286 5.90 27.47 7.88
N GLY B 287 4.67 27.93 7.91
CA GLY B 287 4.00 28.45 6.73
C GLY B 287 3.79 27.48 5.57
N THR B 288 3.35 26.25 5.81
CA THR B 288 3.05 25.34 4.73
C THR B 288 2.02 26.02 3.79
N LEU B 289 2.24 25.92 2.47
CA LEU B 289 1.33 26.55 1.51
C LEU B 289 0.14 25.67 1.15
N TYR B 290 -1.05 26.26 1.31
CA TYR B 290 -2.32 25.63 1.01
C TYR B 290 -2.94 26.47 -0.06
N HIS B 291 -3.05 25.92 -1.26
CA HIS B 291 -3.65 26.73 -2.33
C HIS B 291 -2.95 28.07 -2.48
N GLU B 292 -1.64 28.04 -2.32
CA GLU B 292 -0.83 29.23 -2.48
C GLU B 292 -0.92 30.22 -1.34
N LYS B 293 -1.63 29.84 -0.26
CA LYS B 293 -1.74 30.68 0.92
C LYS B 293 -0.80 30.13 1.99
N LYS B 294 0.04 30.96 2.63
CA LYS B 294 0.96 30.48 3.69
C LYS B 294 0.14 30.22 4.94
N GLN B 295 0.16 29.01 5.42
CA GLN B 295 -0.63 28.75 6.59
C GLN B 295 -0.12 29.45 7.82
N VAL B 296 -1.04 30.02 8.64
CA VAL B 296 -0.62 30.72 9.85
C VAL B 296 -0.66 29.82 11.07
N HIS B 297 0.06 30.25 12.12
CA HIS B 297 0.02 29.51 13.35
C HIS B 297 -1.47 29.49 13.78
N HIS B 298 -2.03 28.33 14.15
CA HIS B 298 -3.43 28.29 14.49
C HIS B 298 -4.31 28.39 13.24
N GLY B 299 -3.73 28.06 12.09
CA GLY B 299 -4.49 28.11 10.86
C GLY B 299 -5.35 26.88 10.57
N GLY B 300 -5.81 26.14 11.58
CA GLY B 300 -6.65 24.95 11.38
C GLY B 300 -6.90 24.25 12.70
N ILE B 301 -7.90 23.37 12.80
CA ILE B 301 -8.19 22.65 14.02
C ILE B 301 -8.70 21.24 13.66
N THR B 302 -8.21 20.22 14.38
CA THR B 302 -8.65 18.84 14.13
C THR B 302 -9.64 18.46 15.23
N PHE B 303 -10.32 17.34 15.03
CA PHE B 303 -11.24 16.76 15.99
C PHE B 303 -11.00 15.26 15.75
N GLU B 304 -9.90 14.73 16.33
CA GLU B 304 -9.53 13.35 16.15
C GLU B 304 -10.23 12.51 17.18
N CYS B 305 -11.29 11.87 16.75
CA CYS B 305 -12.05 11.07 17.65
C CYS B 305 -11.46 9.69 17.71
N GLN B 306 -11.17 9.24 18.94
CA GLN B 306 -10.56 7.94 19.17
C GLN B 306 -10.53 7.65 20.64
N VAL B 307 -9.88 6.54 21.01
CA VAL B 307 -9.68 6.25 22.41
C VAL B 307 -8.49 7.15 22.72
N SER B 308 -8.51 7.90 23.85
CA SER B 308 -7.40 8.79 24.16
C SER B 308 -6.03 8.13 24.15
N PRO B 309 -5.04 8.85 23.59
CA PRO B 309 -3.69 8.35 23.65
C PRO B 309 -3.25 8.31 25.16
N GLY B 310 -2.26 7.48 25.51
CA GLY B 310 -1.74 7.39 26.87
C GLY B 310 -2.38 6.25 27.66
N SER B 311 -3.30 5.47 27.08
CA SER B 311 -3.93 4.41 27.86
C SER B 311 -2.92 3.42 28.35
N GLU B 312 -1.74 3.46 27.75
CA GLU B 312 -0.67 2.56 28.15
C GLU B 312 -0.28 2.95 29.57
N GLN B 313 -0.35 4.24 29.88
CA GLN B 313 0.03 4.75 31.20
C GLN B 313 -1.18 5.02 32.09
N ILE B 314 -2.31 5.29 31.49
CA ILE B 314 -3.55 5.59 32.18
C ILE B 314 -4.68 4.71 31.70
N PRO B 315 -4.63 3.53 32.27
CA PRO B 315 -5.56 2.47 32.00
C PRO B 315 -7.00 2.87 32.05
N GLU B 316 -7.30 3.92 32.82
CA GLU B 316 -8.65 4.43 32.96
C GLU B 316 -9.18 4.94 31.61
N LEU B 317 -8.27 5.38 30.71
CA LEU B 317 -8.60 5.92 29.38
C LEU B 317 -9.27 4.95 28.43
N GLY B 318 -8.97 3.66 28.67
CA GLY B 318 -9.52 2.61 27.87
C GLY B 318 -8.52 1.51 27.55
N ASP B 319 -8.94 0.65 26.67
CA ASP B 319 -8.14 -0.46 26.23
C ASP B 319 -8.30 -0.59 24.71
N ILE B 320 -7.18 -0.48 23.98
CA ILE B 320 -7.24 -0.52 22.53
C ILE B 320 -6.86 -1.86 21.97
N SER B 321 -6.84 -2.82 22.83
CA SER B 321 -6.50 -4.12 22.35
C SER B 321 -7.59 -4.65 21.41
N LEU B 322 -7.16 -5.50 20.45
CA LEU B 322 -8.07 -6.10 19.52
C LEU B 322 -7.78 -7.57 19.45
N LYS B 323 -8.75 -8.36 19.85
CA LYS B 323 -8.54 -9.79 19.82
C LYS B 323 -8.66 -10.39 18.47
N ALA B 324 -7.87 -11.44 18.29
CA ALA B 324 -7.89 -12.12 17.04
C ALA B 324 -9.29 -12.53 16.69
N GLY B 325 -9.70 -12.27 15.47
CA GLY B 325 -11.03 -12.65 15.04
C GLY B 325 -12.14 -11.69 15.43
N GLU B 326 -11.84 -10.80 16.39
CA GLU B 326 -12.86 -9.86 16.85
C GLU B 326 -12.99 -8.67 15.88
N LYS B 327 -14.23 -8.31 15.54
CA LYS B 327 -14.44 -7.24 14.61
C LYS B 327 -14.44 -5.84 15.20
N TYR B 328 -13.50 -4.99 14.80
CA TYR B 328 -13.51 -3.64 15.32
C TYR B 328 -14.42 -2.78 14.46
N GLN B 329 -15.06 -1.80 15.08
CA GLN B 329 -15.92 -0.85 14.40
C GLN B 329 -15.85 0.47 15.15
N ALA B 330 -15.90 1.58 14.42
CA ALA B 330 -15.89 2.96 14.99
C ALA B 330 -16.66 3.78 13.99
N THR B 331 -17.35 4.82 14.44
CA THR B 331 -18.12 5.69 13.56
C THR B 331 -17.98 7.09 14.05
N THR B 332 -17.63 7.97 13.14
CA THR B 332 -17.49 9.35 13.46
C THR B 332 -18.22 10.12 12.35
N ILE B 333 -18.93 11.19 12.71
CA ILE B 333 -19.68 11.97 11.78
C ILE B 333 -19.49 13.48 11.97
N TYR B 334 -19.31 14.14 10.84
CA TYR B 334 -19.15 15.56 10.81
C TYR B 334 -20.32 16.06 10.03
N SER B 335 -21.17 16.90 10.65
CA SER B 335 -22.29 17.36 9.88
C SER B 335 -22.27 18.86 9.72
N LEU B 336 -22.62 19.29 8.50
CA LEU B 336 -22.64 20.69 8.15
C LEU B 336 -24.01 21.25 8.27
N HIS B 337 -24.09 22.44 8.86
CA HIS B 337 -25.32 23.18 9.05
C HIS B 337 -25.12 24.66 8.77
N THR B 338 -26.23 25.32 8.43
CA THR B 338 -26.22 26.74 8.17
C THR B 338 -27.19 27.43 9.10
N LYS B 339 -26.80 28.58 9.67
CA LYS B 339 -27.66 29.34 10.58
C LYS B 339 -28.20 28.50 11.73
N LEU B 340 -27.32 27.68 12.31
CA LEU B 340 -27.67 26.85 13.44
C LEU B 340 -27.86 27.70 14.69
N GLU B 341 -27.08 28.76 14.71
CA GLU B 341 -27.07 29.69 15.81
C GLU B 341 -26.65 31.06 15.30
N HIS B 342 -26.64 32.02 16.22
CA HIS B 342 -26.25 33.39 15.90
C HIS B 342 -24.81 33.59 16.34
N HIS B 343 -23.93 33.70 15.39
CA HIS B 343 -22.55 33.87 15.70
C HIS B 343 -22.04 35.06 14.92
N HIS B 344 -22.05 36.21 15.58
CA HIS B 344 -21.62 37.46 14.97
C HIS B 344 -20.59 38.16 15.81
N HIS B 345 -19.32 37.91 15.50
CA HIS B 345 -18.22 38.47 16.27
C HIS B 345 -17.19 39.16 15.42
N HIS B 346 -16.27 39.78 16.09
CA HIS B 346 -15.19 40.43 15.38
C HIS B 346 -13.91 40.25 16.15
N HIS B 347 -12.84 40.07 15.38
CA HIS B 347 -11.54 39.85 15.97
C HIS B 347 -10.63 40.98 15.59
C1 FUC C . 6.64 -20.10 -9.45
C2 FUC C . 6.71 -21.39 -8.65
C3 FUC C . 5.58 -22.28 -9.12
C4 FUC C . 4.29 -21.60 -8.75
C5 FUC C . 4.22 -20.25 -9.48
C6 FUC C . 3.05 -19.38 -9.05
O1 FUC C . 6.81 -20.33 -10.85
O1 FUC C . 7.76 -19.25 -9.17
O2 FUC C . 7.93 -22.13 -8.81
O3 FUC C . 5.66 -23.50 -8.40
O4 FUC C . 4.23 -21.44 -7.35
O5 FUC C . 5.38 -19.45 -9.21
NA NA D . -6.58 6.00 -11.33
C1 FUC E . -1.92 15.15 16.21
C2 FUC E . -0.83 15.29 17.24
C3 FUC E . -0.08 16.58 16.95
C4 FUC E . 0.65 16.36 15.65
C5 FUC E . -0.42 16.17 14.57
C6 FUC E . 0.21 15.80 13.25
O1 FUC E . -2.93 16.17 16.35
O1 FUC E . -2.81 14.07 16.49
O2 FUC E . -1.31 15.32 18.56
O3 FUC E . 0.91 16.75 17.97
O4 FUC E . 1.49 15.20 15.74
O5 FUC E . -1.34 15.07 14.90
#